data_3V64
#
_entry.id   3V64
#
_cell.length_a   99.460
_cell.length_b   106.070
_cell.length_c   112.060
_cell.angle_alpha   90.00
_cell.angle_beta   90.00
_cell.angle_gamma   90.00
#
_symmetry.space_group_name_H-M   'P 21 21 21'
#
loop_
_entity.id
_entity.type
_entity.pdbx_description
1 polymer 'Low-density lipoprotein receptor-related protein 4'
2 polymer 'Isoform 4 of Agrin'
3 non-polymer 2-acetamido-2-deoxy-beta-D-glucopyranose
4 non-polymer 'CALCIUM ION'
5 non-polymer 'PHOSPHATE ION'
6 water water
#
loop_
_entity_poly.entity_id
_entity_poly.type
_entity_poly.pdbx_seq_one_letter_code
_entity_poly.pdbx_strand_id
1 'polypeptide(L)'
;VNECAEEGYCSQGCTNSEGAFQCWCEAGYELRPDRRSCKALGPEPVLLFANRIDIRQVLPHRSEYTLLLNNLENAIALDF
HHRRELVFWSDVTLDRILRANLNGSNVEEVVSTGLESPGGLAVDWVHDKLYWTDSGTSRIEVANLDGAHRKVLLWQSLEK
PRAIALHPMEGTIYWTDWGNTPRIEASSMDGSGRRIIADTHLFWPNGLTIDYAGRRMYWVDAKHHVIERANLDGSHRKAV
ISQGLPHPFAITVFEDSLYWTDWHTKSINSANKFTGKNQEIIRNKLHFPMDIHTLHPQRQPAGKNRCGDNNGGCTHLCLP
SGQNYTCACPTGFRKINSHACALEVLFQG
;
C,D
2 'polypeptide(L)'
;ALETLAFDGRTYIEYLNAVIESELTNEIPAEKALQSNHFELSLRTEATQGLVLWIGKAAERADYMALAIVDGHLQLSYDL
GSQPVVLRSTVKVNTNRWLRIRAHREHREGSLQVGNEAPVTGSSPLGATQLDTDGALWLGGLQKLPVGQALPKAYGTGFV
GCLRDVVVGHRQLHLLEDAVTKPELRPCPTP
;
A,B
#
loop_
_chem_comp.id
_chem_comp.type
_chem_comp.name
_chem_comp.formula
CA non-polymer 'CALCIUM ION' 'Ca 2'
NAG D-saccharide, beta linking 2-acetamido-2-deoxy-beta-D-glucopyranose 'C8 H15 N O6'
PO4 non-polymer 'PHOSPHATE ION' 'O4 P -3'
#
# COMPACT_ATOMS: atom_id res chain seq x y z
N TYR A 9 6.95 30.73 47.81
CA TYR A 9 5.72 31.47 47.50
C TYR A 9 5.93 32.49 46.39
N CYS A 10 7.12 32.56 45.83
CA CYS A 10 7.33 33.54 44.78
C CYS A 10 7.02 32.83 43.47
N SER A 11 6.06 33.38 42.76
CA SER A 11 5.57 32.77 41.53
C SER A 11 6.68 32.71 40.52
N GLN A 12 7.50 33.76 40.50
CA GLN A 12 8.58 33.79 39.55
C GLN A 12 9.99 33.73 40.11
N GLY A 13 10.44 34.87 40.64
CA GLY A 13 11.77 34.96 41.21
C GLY A 13 11.86 35.88 42.40
N CYS A 14 12.77 35.57 43.32
CA CYS A 14 13.05 36.45 44.44
C CYS A 14 14.53 36.85 44.40
N THR A 15 14.80 38.15 44.35
CA THR A 15 16.18 38.61 44.40
C THR A 15 16.42 39.71 45.47
N ASN A 16 17.46 39.53 46.28
CA ASN A 16 17.89 40.46 47.36
C ASN A 16 18.19 39.92 48.79
N SER A 17 18.17 38.63 48.99
CA SER A 17 18.45 38.10 50.29
C SER A 17 19.85 37.57 50.31
N PHE A 21 14.25 39.63 50.65
CA PHE A 21 13.77 38.41 50.00
C PHE A 21 12.47 38.65 49.24
N GLN A 22 12.33 39.85 48.67
CA GLN A 22 11.11 40.24 47.95
C GLN A 22 11.01 39.55 46.58
N CYS A 23 9.79 39.14 46.23
CA CYS A 23 9.54 38.51 44.93
C CYS A 23 9.57 39.54 43.80
N TRP A 24 9.86 39.08 42.59
CA TRP A 24 9.95 39.92 41.41
C TRP A 24 9.03 39.42 40.31
N CYS A 25 8.54 40.33 39.47
CA CYS A 25 7.64 39.96 38.38
C CYS A 25 8.23 40.29 37.01
N GLU A 26 8.10 39.35 36.08
CA GLU A 26 8.60 39.52 34.71
C GLU A 26 7.74 40.52 33.92
N ALA A 27 8.28 41.02 32.81
CA ALA A 27 7.56 41.96 31.95
C ALA A 27 6.29 41.33 31.40
N GLY A 28 5.21 42.10 31.38
CA GLY A 28 3.89 41.59 31.01
C GLY A 28 3.20 40.93 32.19
N TYR A 29 3.85 40.99 33.34
CA TYR A 29 3.31 40.44 34.58
C TYR A 29 3.35 41.49 35.69
N GLU A 30 2.47 41.33 36.67
CA GLU A 30 2.38 42.26 37.79
C GLU A 30 2.17 41.49 39.08
N LEU A 31 2.91 41.86 40.12
CA LEU A 31 2.78 41.21 41.42
C LEU A 31 1.38 41.40 42.00
N ARG A 32 0.86 40.36 42.61
CA ARG A 32 -0.47 40.38 43.21
C ARG A 32 -0.46 41.02 44.60
N PRO A 33 -1.65 41.24 45.20
CA PRO A 33 -1.74 41.78 46.57
C PRO A 33 -0.94 40.97 47.58
N ASP A 34 -0.79 39.67 47.32
CA ASP A 34 -0.05 38.78 48.22
C ASP A 34 1.47 39.00 48.20
N ARG A 35 1.94 39.86 47.29
CA ARG A 35 3.37 40.22 47.19
C ARG A 35 4.22 39.05 46.67
N ARG A 36 3.56 37.90 46.49
CA ARG A 36 4.23 36.66 46.13
C ARG A 36 3.90 36.28 44.68
N SER A 37 2.61 36.20 44.39
CA SER A 37 2.11 35.75 43.09
C SER A 37 2.28 36.79 42.00
N CYS A 38 2.40 36.31 40.76
CA CYS A 38 2.50 37.16 39.58
C CYS A 38 1.26 37.00 38.70
N LYS A 39 0.61 38.13 38.39
CA LYS A 39 -0.58 38.14 37.53
C LYS A 39 -0.24 38.76 36.18
N ALA A 40 -0.72 38.12 35.11
CA ALA A 40 -0.41 38.56 33.75
C ALA A 40 -1.23 39.76 33.30
N LEU A 41 -0.54 40.79 32.83
CA LEU A 41 -1.18 41.96 32.25
C LEU A 41 -1.74 41.58 30.88
N GLY A 42 -3.00 41.94 30.65
CA GLY A 42 -3.69 41.63 29.41
C GLY A 42 -5.11 41.17 29.69
N PRO A 43 -5.74 40.49 28.73
CA PRO A 43 -7.07 39.92 28.94
C PRO A 43 -7.04 38.77 29.94
N GLU A 44 -8.22 38.28 30.32
CA GLU A 44 -8.31 37.09 31.17
C GLU A 44 -7.94 35.85 30.35
N PRO A 45 -7.20 34.91 30.96
CA PRO A 45 -6.71 33.70 30.28
C PRO A 45 -7.86 32.88 29.69
N VAL A 46 -7.60 32.26 28.54
CA VAL A 46 -8.57 31.37 27.90
C VAL A 46 -7.90 30.03 27.59
N LEU A 47 -8.61 28.94 27.85
CA LEU A 47 -8.10 27.61 27.53
C LEU A 47 -8.63 27.12 26.17
N LEU A 48 -7.70 26.87 25.25
CA LEU A 48 -8.02 26.38 23.92
C LEU A 48 -7.68 24.90 23.85
N PHE A 49 -8.66 24.06 23.48
CA PHE A 49 -8.44 22.62 23.44
C PHE A 49 -9.19 21.92 22.30
N ALA A 50 -8.67 20.76 21.90
CA ALA A 50 -9.26 19.95 20.83
C ALA A 50 -10.11 18.82 21.41
N ASN A 51 -11.28 18.62 20.81
CA ASN A 51 -12.25 17.64 21.30
C ASN A 51 -12.56 16.57 20.26
N ARG A 52 -11.61 16.32 19.36
CA ARG A 52 -11.79 15.38 18.24
C ARG A 52 -12.80 15.87 17.21
N ILE A 53 -14.01 16.15 17.67
CA ILE A 53 -15.09 16.63 16.81
C ILE A 53 -15.16 18.15 16.78
N ASP A 54 -14.57 18.78 17.80
CA ASP A 54 -14.63 20.23 17.97
C ASP A 54 -13.29 20.82 18.41
N ILE A 55 -13.20 22.15 18.33
CA ILE A 55 -12.16 22.92 19.01
C ILE A 55 -12.91 23.90 19.90
N ARG A 56 -12.63 23.87 21.20
CA ARG A 56 -13.43 24.63 22.17
C ARG A 56 -12.61 25.58 23.04
N GLN A 57 -13.31 26.53 23.66
CA GLN A 57 -12.71 27.52 24.54
C GLN A 57 -13.41 27.55 25.88
N VAL A 58 -12.63 27.78 26.94
CA VAL A 58 -13.17 27.88 28.30
C VAL A 58 -12.43 28.96 29.08
N LEU A 59 -13.17 29.67 29.93
CA LEU A 59 -12.57 30.54 30.92
C LEU A 59 -12.52 29.79 32.25
N PRO A 60 -11.30 29.43 32.69
CA PRO A 60 -11.11 28.67 33.93
C PRO A 60 -11.77 29.35 35.13
N HIS A 61 -12.37 28.53 35.99
CA HIS A 61 -13.02 28.99 37.23
C HIS A 61 -14.26 29.81 37.01
N ARG A 62 -14.86 29.63 35.83
CA ARG A 62 -16.17 30.16 35.48
C ARG A 62 -16.87 29.19 34.53
N SER A 63 -18.15 29.42 34.26
CA SER A 63 -18.94 28.47 33.47
C SER A 63 -18.94 28.75 31.95
N GLU A 64 -18.16 29.76 31.53
CA GLU A 64 -18.13 30.13 30.12
C GLU A 64 -17.48 29.07 29.23
N TYR A 65 -18.23 28.64 28.22
CA TYR A 65 -17.88 27.51 27.39
C TYR A 65 -18.26 27.80 25.94
N THR A 66 -17.27 27.91 25.07
CA THR A 66 -17.51 28.32 23.69
C THR A 66 -16.94 27.33 22.67
N LEU A 67 -17.77 26.96 21.70
CA LEU A 67 -17.36 26.07 20.62
C LEU A 67 -16.81 26.92 19.47
N LEU A 68 -15.50 26.82 19.25
CA LEU A 68 -14.83 27.66 18.26
C LEU A 68 -15.00 27.15 16.83
N LEU A 69 -14.52 25.93 16.58
CA LEU A 69 -14.65 25.30 15.27
C LEU A 69 -15.44 24.01 15.38
N ASN A 70 -16.40 23.83 14.47
CA ASN A 70 -17.29 22.66 14.49
C ASN A 70 -17.18 21.78 13.25
N ASN A 71 -17.71 20.57 13.35
CA ASN A 71 -17.74 19.61 12.25
C ASN A 71 -16.36 19.14 11.80
N LEU A 72 -15.47 18.96 12.76
CA LEU A 72 -14.15 18.42 12.49
C LEU A 72 -14.23 16.89 12.54
N GLU A 73 -13.37 16.22 11.78
CA GLU A 73 -13.34 14.76 11.76
C GLU A 73 -12.68 14.19 13.01
N ASN A 74 -11.37 14.38 13.13
CA ASN A 74 -10.61 13.96 14.30
C ASN A 74 -9.57 15.02 14.66
N ALA A 75 -9.96 15.96 15.53
CA ALA A 75 -9.07 17.04 15.93
C ALA A 75 -8.25 16.66 17.17
N ILE A 76 -6.93 16.60 16.98
CA ILE A 76 -6.03 16.15 18.04
C ILE A 76 -5.14 17.27 18.56
N ALA A 77 -4.07 17.56 17.82
CA ALA A 77 -3.11 18.58 18.23
C ALA A 77 -3.52 19.96 17.75
N LEU A 78 -3.32 20.96 18.59
CA LEU A 78 -3.58 22.34 18.19
C LEU A 78 -2.57 23.33 18.81
N ASP A 79 -2.28 24.39 18.05
CA ASP A 79 -1.52 25.52 18.56
C ASP A 79 -2.05 26.80 17.91
N PHE A 80 -1.56 27.95 18.37
CA PHE A 80 -2.09 29.23 17.93
C PHE A 80 -1.00 30.25 17.64
N HIS A 81 -1.34 31.23 16.79
CA HIS A 81 -0.49 32.38 16.55
C HIS A 81 -1.27 33.61 16.95
N HIS A 82 -0.89 34.20 18.08
CA HIS A 82 -1.67 35.28 18.70
C HIS A 82 -1.79 36.54 17.90
N ARG A 83 -0.66 37.08 17.45
CA ARG A 83 -0.65 38.37 16.75
C ARG A 83 -1.16 38.29 15.31
N ARG A 84 -1.15 37.08 14.74
CA ARG A 84 -1.70 36.85 13.41
C ARG A 84 -3.15 36.38 13.49
N GLU A 85 -3.63 36.19 14.72
CA GLU A 85 -4.97 35.69 14.99
C GLU A 85 -5.23 34.38 14.25
N LEU A 86 -4.26 33.47 14.33
CA LEU A 86 -4.33 32.18 13.68
C LEU A 86 -4.38 31.03 14.67
N VAL A 87 -5.11 29.98 14.31
CA VAL A 87 -5.17 28.75 15.09
C VAL A 87 -4.89 27.55 14.17
N PHE A 88 -3.94 26.71 14.57
CA PHE A 88 -3.60 25.51 13.80
C PHE A 88 -4.04 24.26 14.53
N TRP A 89 -4.49 23.26 13.77
CA TRP A 89 -4.81 21.95 14.33
C TRP A 89 -4.54 20.84 13.34
N SER A 90 -4.39 19.63 13.84
CA SER A 90 -4.17 18.46 13.01
C SER A 90 -5.38 17.53 13.09
N ASP A 91 -5.63 16.81 12.01
CA ASP A 91 -6.71 15.84 11.95
C ASP A 91 -6.16 14.47 11.58
N VAL A 92 -6.34 13.50 12.48
CA VAL A 92 -5.71 12.19 12.32
C VAL A 92 -6.44 11.25 11.33
N THR A 93 -7.76 11.22 11.33
CA THR A 93 -8.49 10.38 10.36
C THR A 93 -8.32 10.90 8.94
N LEU A 94 -8.14 12.22 8.81
CA LEU A 94 -7.98 12.85 7.50
C LEU A 94 -6.53 12.88 7.00
N ASP A 95 -5.59 12.82 7.94
CA ASP A 95 -4.16 12.98 7.64
C ASP A 95 -3.87 14.37 7.09
N ARG A 96 -4.40 15.38 7.78
CA ARG A 96 -4.28 16.77 7.37
C ARG A 96 -3.84 17.66 8.53
N ILE A 97 -3.28 18.81 8.20
CA ILE A 97 -3.02 19.87 9.16
C ILE A 97 -3.65 21.14 8.62
N LEU A 98 -4.62 21.67 9.35
CA LEU A 98 -5.36 22.85 8.90
C LEU A 98 -5.08 24.06 9.77
N ARG A 99 -5.40 25.23 9.24
CA ARG A 99 -5.28 26.49 9.97
C ARG A 99 -6.47 27.39 9.66
N ALA A 100 -6.79 28.28 10.57
CA ALA A 100 -7.90 29.21 10.40
C ALA A 100 -7.72 30.44 11.27
N ASN A 101 -8.50 31.47 10.98
CA ASN A 101 -8.48 32.67 11.77
C ASN A 101 -8.99 32.23 13.18
N LEU A 102 -8.58 32.92 14.25
CA LEU A 102 -8.88 32.52 15.63
C LEU A 102 -10.38 32.53 15.91
N ASN A 103 -11.10 33.27 15.08
CA ASN A 103 -12.56 33.31 15.07
C ASN A 103 -13.25 32.00 14.64
N GLY A 104 -12.54 31.12 13.94
CA GLY A 104 -13.14 29.92 13.37
C GLY A 104 -13.50 30.00 11.89
N SER A 105 -13.09 31.08 11.25
CA SER A 105 -13.33 31.31 9.82
C SER A 105 -12.05 31.21 8.98
N ASN A 106 -12.21 31.20 7.67
CA ASN A 106 -11.07 31.14 6.75
C ASN A 106 -10.19 29.92 6.97
N VAL A 107 -10.83 28.77 7.19
CA VAL A 107 -10.10 27.52 7.39
C VAL A 107 -9.53 27.00 6.07
N GLU A 108 -8.24 26.67 6.07
CA GLU A 108 -7.58 26.16 4.88
C GLU A 108 -6.59 25.04 5.19
N GLU A 109 -6.32 24.22 4.17
CA GLU A 109 -5.42 23.08 4.28
C GLU A 109 -3.98 23.56 4.20
N VAL A 110 -3.16 23.12 5.16
CA VAL A 110 -1.76 23.52 5.22
C VAL A 110 -0.84 22.36 4.84
N VAL A 111 -0.99 21.24 5.55
CA VAL A 111 -0.30 20.01 5.18
C VAL A 111 -1.34 18.97 4.78
N SER A 112 -1.21 18.48 3.55
CA SER A 112 -2.14 17.48 3.02
C SER A 112 -1.48 16.11 2.92
N THR A 113 -0.38 16.04 2.19
CA THR A 113 0.29 14.78 1.91
C THR A 113 1.26 14.35 3.03
N GLY A 114 1.55 13.06 3.07
CA GLY A 114 2.63 12.53 3.89
C GLY A 114 2.42 12.47 5.38
N LEU A 115 1.16 12.31 5.80
CA LEU A 115 0.84 12.22 7.22
C LEU A 115 0.20 10.88 7.56
N GLU A 116 0.62 10.30 8.69
CA GLU A 116 0.04 9.06 9.17
C GLU A 116 -0.70 9.31 10.49
N SER A 117 0.05 9.71 11.51
CA SER A 117 -0.53 10.08 12.79
C SER A 117 0.12 11.35 13.34
N PRO A 118 -0.28 12.52 12.79
CA PRO A 118 0.23 13.82 13.25
C PRO A 118 -0.37 14.20 14.59
N GLY A 119 0.26 13.73 15.67
CA GLY A 119 -0.30 13.86 17.01
C GLY A 119 0.16 15.06 17.82
N GLY A 120 1.05 15.87 17.26
CA GLY A 120 1.57 17.04 17.98
C GLY A 120 1.82 18.24 17.10
N LEU A 121 1.54 19.44 17.64
CA LEU A 121 1.73 20.69 16.93
C LEU A 121 2.36 21.78 17.79
N ALA A 122 3.22 22.59 17.16
CA ALA A 122 3.83 23.72 17.84
C ALA A 122 4.11 24.87 16.86
N VAL A 123 3.68 26.07 17.24
CA VAL A 123 3.87 27.25 16.41
C VAL A 123 5.01 28.11 16.95
N ASP A 124 5.96 28.42 16.07
CA ASP A 124 6.98 29.41 16.38
C ASP A 124 6.42 30.76 15.97
N TRP A 125 6.00 31.54 16.96
CA TRP A 125 5.38 32.85 16.71
C TRP A 125 6.40 33.93 16.43
N VAL A 126 7.65 33.65 16.78
CA VAL A 126 8.75 34.60 16.54
C VAL A 126 9.24 34.53 15.10
N HIS A 127 9.48 33.31 14.61
CA HIS A 127 10.02 33.11 13.26
C HIS A 127 8.97 32.69 12.27
N ASP A 128 7.71 32.69 12.69
CA ASP A 128 6.58 32.29 11.86
C ASP A 128 6.81 30.92 11.21
N LYS A 129 7.12 29.94 12.05
CA LYS A 129 7.36 28.56 11.60
C LYS A 129 6.34 27.60 12.22
N LEU A 130 6.18 26.45 11.59
CA LEU A 130 5.24 25.44 12.06
C LEU A 130 5.92 24.08 12.18
N TYR A 131 6.09 23.62 13.42
CA TYR A 131 6.70 22.32 13.70
C TYR A 131 5.62 21.31 14.07
N TRP A 132 5.76 20.08 13.58
CA TRP A 132 4.84 19.00 13.99
C TRP A 132 5.49 17.64 14.02
N THR A 133 4.86 16.74 14.78
CA THR A 133 5.34 15.38 14.96
C THR A 133 4.36 14.37 14.40
N ASP A 134 4.88 13.30 13.81
CA ASP A 134 4.04 12.20 13.34
C ASP A 134 4.57 10.89 13.90
N SER A 135 3.77 10.27 14.77
CA SER A 135 4.12 9.00 15.39
C SER A 135 4.08 7.84 14.38
N GLY A 136 3.20 7.97 13.38
CA GLY A 136 3.07 6.97 12.33
C GLY A 136 4.16 7.10 11.28
N THR A 137 4.69 8.31 11.13
CA THR A 137 5.75 8.59 10.17
C THR A 137 7.14 8.58 10.85
N SER A 138 7.15 8.63 12.18
CA SER A 138 8.38 8.66 12.98
C SER A 138 9.29 9.84 12.65
N ARG A 139 8.69 10.99 12.35
CA ARG A 139 9.45 12.17 11.96
C ARG A 139 8.95 13.45 12.63
N ILE A 140 9.82 14.46 12.65
CA ILE A 140 9.45 15.81 13.06
C ILE A 140 9.70 16.75 11.88
N GLU A 141 8.65 17.41 11.43
CA GLU A 141 8.75 18.26 10.23
C GLU A 141 8.45 19.73 10.53
N VAL A 142 8.96 20.60 9.67
CA VAL A 142 8.80 22.05 9.82
C VAL A 142 8.42 22.67 8.49
N ALA A 143 7.62 23.74 8.54
CA ALA A 143 7.18 24.46 7.36
C ALA A 143 6.81 25.90 7.68
N ASN A 144 6.63 26.71 6.64
CA ASN A 144 6.08 28.04 6.78
C ASN A 144 4.64 27.97 7.31
N LEU A 145 4.15 29.10 7.82
CA LEU A 145 2.80 29.17 8.37
C LEU A 145 1.73 28.68 7.40
N ASP A 146 1.97 28.89 6.11
CA ASP A 146 1.06 28.40 5.06
C ASP A 146 1.32 26.94 4.70
N GLY A 147 2.47 26.41 5.14
CA GLY A 147 2.82 25.01 4.91
C GLY A 147 3.84 24.82 3.80
N ALA A 148 4.44 25.92 3.35
CA ALA A 148 5.44 25.87 2.29
C ALA A 148 6.84 25.66 2.88
N HIS A 149 7.81 25.40 2.01
CA HIS A 149 9.19 25.12 2.41
C HIS A 149 9.24 23.98 3.39
N ARG A 150 8.40 22.97 3.15
CA ARG A 150 8.26 21.83 4.04
C ARG A 150 9.52 20.97 4.03
N LYS A 151 10.09 20.76 5.23
CA LYS A 151 11.32 19.99 5.40
C LYS A 151 11.19 19.03 6.56
N VAL A 152 11.72 17.82 6.39
CA VAL A 152 11.82 16.86 7.48
C VAL A 152 13.01 17.25 8.36
N LEU A 153 12.70 17.72 9.58
CA LEU A 153 13.73 18.19 10.49
C LEU A 153 14.46 17.04 11.18
N LEU A 154 13.70 16.08 11.70
CA LEU A 154 14.28 14.96 12.45
C LEU A 154 13.59 13.64 12.12
N TRP A 155 14.40 12.61 11.89
CA TRP A 155 13.90 11.27 11.58
C TRP A 155 14.66 10.20 12.33
N GLN A 156 15.98 10.30 12.33
CA GLN A 156 16.86 9.34 13.01
C GLN A 156 16.46 9.15 14.47
N SER A 157 16.32 7.89 14.87
CA SER A 157 16.08 7.50 16.27
C SER A 157 14.66 7.73 16.81
N LEU A 158 13.81 8.41 16.03
CA LEU A 158 12.45 8.67 16.46
C LEU A 158 11.56 7.46 16.24
N GLU A 159 10.74 7.14 17.24
CA GLU A 159 9.80 6.04 17.13
C GLU A 159 8.36 6.56 17.16
N LYS A 160 7.94 7.04 18.32
CA LYS A 160 6.59 7.59 18.49
C LYS A 160 6.64 8.98 19.11
N PRO A 161 6.99 10.00 18.31
CA PRO A 161 6.96 11.37 18.82
C PRO A 161 5.51 11.81 19.00
N ARG A 162 5.20 12.42 20.13
CA ARG A 162 3.85 12.90 20.38
C ARG A 162 3.87 14.39 20.68
N ALA A 163 4.17 14.73 21.94
CA ALA A 163 4.17 16.13 22.36
C ALA A 163 5.38 16.85 21.81
N ILE A 164 5.21 18.16 21.56
CA ILE A 164 6.29 19.03 21.11
C ILE A 164 6.05 20.44 21.65
N ALA A 165 7.12 21.08 22.12
CA ALA A 165 7.05 22.43 22.65
C ALA A 165 8.28 23.24 22.25
N LEU A 166 8.06 24.52 21.93
CA LEU A 166 9.13 25.37 21.41
C LEU A 166 9.55 26.47 22.38
N HIS A 167 10.75 26.97 22.17
CA HIS A 167 11.27 28.09 22.93
C HIS A 167 11.99 29.02 21.99
N PRO A 168 11.24 29.79 21.17
CA PRO A 168 11.85 30.61 20.12
C PRO A 168 12.98 31.49 20.64
N MET A 169 12.85 31.94 21.89
CA MET A 169 13.89 32.75 22.54
C MET A 169 15.18 31.95 22.71
N GLU A 170 15.07 30.74 23.23
CA GLU A 170 16.22 29.86 23.42
C GLU A 170 16.60 29.18 22.10
N GLY A 171 15.69 29.22 21.14
CA GLY A 171 15.84 28.55 19.86
C GLY A 171 15.90 27.04 20.01
N THR A 172 15.03 26.51 20.87
CA THR A 172 15.04 25.08 21.22
C THR A 172 13.73 24.38 20.84
N ILE A 173 13.83 23.08 20.62
CA ILE A 173 12.68 22.22 20.36
C ILE A 173 12.64 21.12 21.43
N TYR A 174 11.48 20.96 22.07
CA TYR A 174 11.28 19.89 23.04
C TYR A 174 10.19 18.97 22.55
N TRP A 175 10.34 17.66 22.80
CA TRP A 175 9.32 16.69 22.43
C TRP A 175 9.38 15.42 23.23
N THR A 176 8.28 14.67 23.21
CA THR A 176 8.20 13.39 23.89
C THR A 176 8.13 12.25 22.87
N ASP A 177 8.83 11.18 23.17
CA ASP A 177 8.71 9.95 22.39
C ASP A 177 8.24 8.85 23.34
N TRP A 178 7.05 8.33 23.08
CA TRP A 178 6.46 7.30 23.94
C TRP A 178 6.61 5.90 23.38
N GLY A 179 7.54 5.76 22.44
CA GLY A 179 7.79 4.48 21.77
C GLY A 179 8.49 3.45 22.62
N ASN A 180 9.08 2.44 21.97
CA ASN A 180 9.75 1.33 22.65
C ASN A 180 11.02 1.73 23.40
N THR A 181 11.52 2.94 23.12
CA THR A 181 12.58 3.55 23.91
C THR A 181 12.07 4.93 24.37
N PRO A 182 11.20 4.97 25.40
CA PRO A 182 10.59 6.22 25.84
C PRO A 182 11.60 7.26 26.31
N ARG A 183 11.42 8.49 25.83
CA ARG A 183 12.37 9.59 26.02
C ARG A 183 11.67 10.92 26.18
N ILE A 184 12.49 11.95 26.39
CA ILE A 184 12.12 13.34 26.21
C ILE A 184 13.38 14.05 25.70
N GLU A 185 13.30 14.62 24.50
CA GLU A 185 14.49 15.18 23.86
C GLU A 185 14.38 16.66 23.56
N ALA A 186 15.53 17.33 23.56
CA ALA A 186 15.64 18.73 23.21
C ALA A 186 16.65 18.90 22.08
N SER A 187 16.41 19.88 21.22
CA SER A 187 17.29 20.16 20.09
C SER A 187 17.17 21.61 19.65
N SER A 188 18.14 22.09 18.89
CA SER A 188 18.03 23.39 18.24
C SER A 188 16.91 23.33 17.20
N MET A 189 16.40 24.49 16.83
CA MET A 189 15.27 24.56 15.89
C MET A 189 15.62 24.15 14.47
N ASP A 190 16.92 24.09 14.17
CA ASP A 190 17.38 23.60 12.88
C ASP A 190 17.50 22.07 12.88
N GLY A 191 17.40 21.47 14.06
CA GLY A 191 17.52 20.02 14.21
C GLY A 191 18.83 19.60 14.82
N SER A 192 19.81 20.51 14.81
CA SER A 192 21.12 20.24 15.40
C SER A 192 21.08 20.32 16.93
N GLY A 193 22.22 20.07 17.57
CA GLY A 193 22.34 20.15 19.02
C GLY A 193 21.29 19.36 19.78
N ARG A 194 21.05 18.14 19.33
CA ARG A 194 20.06 17.26 19.93
C ARG A 194 20.63 16.56 21.17
N ARG A 195 19.76 16.34 22.16
CA ARG A 195 20.17 15.78 23.44
C ARG A 195 18.97 15.17 24.16
N ILE A 196 19.26 14.23 25.07
CA ILE A 196 18.21 13.58 25.86
C ILE A 196 17.99 14.29 27.19
N ILE A 197 16.75 14.74 27.41
CA ILE A 197 16.34 15.34 28.67
C ILE A 197 16.10 14.24 29.70
N ALA A 198 15.26 13.27 29.36
CA ALA A 198 14.97 12.15 30.25
C ALA A 198 14.70 10.87 29.47
N ASP A 199 15.48 9.84 29.75
CA ASP A 199 15.24 8.51 29.19
C ASP A 199 14.92 7.50 30.29
N THR A 200 14.76 8.01 31.51
CA THR A 200 14.54 7.17 32.69
C THR A 200 13.16 7.43 33.30
N HIS A 201 12.52 6.35 33.77
CA HIS A 201 11.20 6.40 34.42
C HIS A 201 10.11 6.97 33.57
N LEU A 202 10.19 6.73 32.26
CA LEU A 202 9.17 7.17 31.34
C LEU A 202 8.60 5.99 30.59
N PHE A 203 7.31 6.05 30.28
CA PHE A 203 6.68 5.02 29.46
C PHE A 203 5.71 5.63 28.46
N TRP A 204 4.76 6.41 28.96
CA TRP A 204 3.83 7.14 28.11
C TRP A 204 3.92 8.63 28.31
N PRO A 205 5.03 9.25 27.85
CA PRO A 205 5.13 10.70 27.93
C PRO A 205 4.19 11.36 26.92
N ASN A 206 2.95 11.55 27.32
CA ASN A 206 1.92 12.11 26.46
C ASN A 206 2.04 13.63 26.28
N GLY A 207 1.95 14.36 27.38
CA GLY A 207 1.94 15.82 27.34
C GLY A 207 3.28 16.46 27.65
N LEU A 208 3.45 17.69 27.16
CA LEU A 208 4.64 18.49 27.42
C LEU A 208 4.33 19.96 27.24
N THR A 209 4.86 20.79 28.13
CA THR A 209 4.66 22.24 28.08
C THR A 209 5.85 23.01 28.67
N ILE A 210 6.01 24.26 28.26
CA ILE A 210 7.09 25.11 28.74
C ILE A 210 6.55 26.29 29.54
N ASP A 211 7.13 26.51 30.71
CA ASP A 211 6.87 27.71 31.50
C ASP A 211 8.01 28.70 31.26
N TYR A 212 7.73 29.73 30.46
CA TYR A 212 8.75 30.70 30.06
C TYR A 212 9.19 31.60 31.20
N ALA A 213 8.21 32.15 31.91
CA ALA A 213 8.47 33.03 33.02
C ALA A 213 9.21 32.32 34.15
N GLY A 214 8.74 31.11 34.49
CA GLY A 214 9.37 30.29 35.52
C GLY A 214 10.66 29.62 35.07
N ARG A 215 10.88 29.61 33.76
CA ARG A 215 12.05 28.96 33.14
C ARG A 215 12.14 27.48 33.53
N ARG A 216 11.01 26.80 33.45
CA ARG A 216 10.93 25.38 33.79
C ARG A 216 10.01 24.65 32.80
N MET A 217 10.11 23.32 32.79
CA MET A 217 9.30 22.51 31.88
C MET A 217 8.52 21.43 32.62
N TYR A 218 7.28 21.22 32.20
CA TYR A 218 6.42 20.20 32.78
C TYR A 218 6.01 19.20 31.72
N TRP A 219 5.77 17.96 32.15
CA TRP A 219 5.27 16.92 31.25
C TRP A 219 4.46 15.88 31.99
N VAL A 220 3.74 15.08 31.22
CA VAL A 220 2.79 14.13 31.76
C VAL A 220 3.09 12.72 31.27
N ASP A 221 3.14 11.76 32.19
CA ASP A 221 3.26 10.35 31.84
C ASP A 221 1.96 9.63 32.19
N ALA A 222 1.28 9.14 31.15
CA ALA A 222 -0.01 8.48 31.31
C ALA A 222 0.12 7.06 31.89
N LYS A 223 1.35 6.55 31.94
CA LYS A 223 1.61 5.20 32.44
C LYS A 223 2.06 5.22 33.90
N HIS A 224 3.02 6.07 34.22
CA HIS A 224 3.49 6.21 35.60
C HIS A 224 2.55 7.02 36.43
N HIS A 225 1.64 7.73 35.77
CA HIS A 225 0.61 8.54 36.41
C HIS A 225 1.18 9.71 37.17
N VAL A 226 2.04 10.48 36.52
CA VAL A 226 2.68 11.64 37.14
C VAL A 226 2.80 12.86 36.22
N ILE A 227 2.74 14.05 36.82
CA ILE A 227 3.18 15.28 36.17
C ILE A 227 4.55 15.63 36.75
N GLU A 228 5.54 15.77 35.87
CA GLU A 228 6.89 16.07 36.32
C GLU A 228 7.31 17.49 35.99
N ARG A 229 7.96 18.14 36.93
CA ARG A 229 8.61 19.42 36.69
C ARG A 229 10.11 19.19 36.53
N ALA A 230 10.69 19.82 35.53
CA ALA A 230 12.13 19.75 35.33
C ALA A 230 12.70 21.12 35.06
N ASN A 231 13.96 21.31 35.46
CA ASN A 231 14.73 22.44 34.98
C ASN A 231 14.76 22.32 33.46
N LEU A 232 15.11 23.39 32.75
CA LEU A 232 15.06 23.37 31.29
C LEU A 232 16.16 22.56 30.62
N ASP A 233 17.12 22.09 31.40
CA ASP A 233 18.20 21.23 30.90
C ASP A 233 17.93 19.77 31.23
N GLY A 234 16.85 19.54 31.98
CA GLY A 234 16.49 18.19 32.42
C GLY A 234 16.85 17.93 33.87
N SER A 235 17.61 18.85 34.45
CA SER A 235 18.04 18.73 35.85
C SER A 235 16.91 19.08 36.82
N HIS A 236 17.18 18.90 38.11
CA HIS A 236 16.21 19.20 39.17
C HIS A 236 14.82 18.66 38.85
N ARG A 237 14.79 17.42 38.39
CA ARG A 237 13.56 16.76 37.98
C ARG A 237 12.78 16.27 39.19
N LYS A 238 11.52 16.67 39.28
CA LYS A 238 10.67 16.36 40.44
C LYS A 238 9.24 16.05 40.04
N ALA A 239 8.67 15.01 40.66
CA ALA A 239 7.25 14.72 40.54
C ALA A 239 6.47 15.81 41.27
N VAL A 240 5.36 16.24 40.67
CA VAL A 240 4.55 17.32 41.23
C VAL A 240 3.15 16.81 41.58
N ILE A 241 2.47 16.27 40.57
CA ILE A 241 1.20 15.57 40.78
C ILE A 241 1.47 14.07 40.66
N SER A 242 1.27 13.35 41.75
CA SER A 242 1.49 11.90 41.78
C SER A 242 0.18 11.13 41.80
N GLN A 243 -0.94 11.85 41.81
CA GLN A 243 -2.26 11.24 41.99
C GLN A 243 -3.35 11.89 41.13
N GLY A 244 -4.42 11.14 40.90
CA GLY A 244 -5.52 11.60 40.06
C GLY A 244 -5.10 11.76 38.61
N LEU A 245 -4.26 10.84 38.14
CA LEU A 245 -3.76 10.88 36.76
C LEU A 245 -3.99 9.56 36.03
N PRO A 246 -5.27 9.17 35.86
CA PRO A 246 -5.56 7.88 35.23
C PRO A 246 -5.04 7.79 33.79
N HIS A 247 -5.36 8.77 32.96
CA HIS A 247 -4.88 8.79 31.58
C HIS A 247 -4.72 10.19 31.02
N PRO A 248 -3.73 10.95 31.53
CA PRO A 248 -3.55 12.31 31.02
C PRO A 248 -2.97 12.32 29.60
N PHE A 249 -3.33 13.34 28.82
CA PHE A 249 -2.86 13.45 27.43
C PHE A 249 -2.02 14.70 27.15
N ALA A 250 -2.62 15.87 27.32
CA ALA A 250 -1.92 17.13 27.05
C ALA A 250 -1.90 18.03 28.27
N ILE A 251 -0.93 18.93 28.33
CA ILE A 251 -0.72 19.78 29.50
C ILE A 251 -0.24 21.18 29.11
N THR A 252 -0.62 22.17 29.91
CA THR A 252 -0.17 23.55 29.73
C THR A 252 -0.01 24.26 31.07
N VAL A 253 0.78 25.33 31.07
CA VAL A 253 1.00 26.16 32.26
C VAL A 253 0.51 27.58 32.06
N PHE A 254 -0.05 28.17 33.12
CA PHE A 254 -0.23 29.61 33.17
C PHE A 254 -0.21 30.14 34.59
N GLU A 255 0.60 31.18 34.80
CA GLU A 255 0.83 31.76 36.12
C GLU A 255 1.27 30.68 37.12
N ASP A 256 0.41 30.34 38.07
CA ASP A 256 0.71 29.33 39.08
C ASP A 256 -0.06 28.03 38.83
N SER A 257 -0.75 27.95 37.70
CA SER A 257 -1.64 26.83 37.43
C SER A 257 -1.18 25.92 36.30
N LEU A 258 -1.38 24.62 36.49
CA LEU A 258 -1.21 23.63 35.45
C LEU A 258 -2.58 23.21 34.95
N TYR A 259 -2.70 23.00 33.64
CA TYR A 259 -3.95 22.57 33.04
C TYR A 259 -3.71 21.40 32.10
N TRP A 260 -4.47 20.32 32.28
CA TRP A 260 -4.31 19.13 31.46
C TRP A 260 -5.61 18.45 31.08
N THR A 261 -5.53 17.58 30.07
CA THR A 261 -6.68 16.80 29.60
C THR A 261 -6.47 15.34 29.94
N ASP A 262 -7.56 14.62 30.16
CA ASP A 262 -7.50 13.22 30.58
C ASP A 262 -8.54 12.38 29.84
N TRP A 263 -8.10 11.26 29.29
CA TRP A 263 -8.97 10.39 28.50
C TRP A 263 -9.91 9.57 29.33
N HIS A 264 -9.50 9.21 30.54
CA HIS A 264 -10.35 8.40 31.40
C HIS A 264 -11.52 9.19 31.94
N THR A 265 -11.23 10.36 32.48
CA THR A 265 -12.26 11.19 33.11
C THR A 265 -12.99 12.09 32.11
N LYS A 266 -12.48 12.13 30.87
CA LYS A 266 -13.03 12.98 29.80
C LYS A 266 -13.20 14.42 30.30
N SER A 267 -12.12 14.97 30.80
CA SER A 267 -12.18 16.24 31.52
C SER A 267 -10.95 17.11 31.36
N ILE A 268 -11.11 18.39 31.68
CA ILE A 268 -9.99 19.32 31.80
C ILE A 268 -9.74 19.55 33.27
N ASN A 269 -8.47 19.41 33.68
CA ASN A 269 -8.12 19.49 35.10
C ASN A 269 -7.07 20.56 35.39
N SER A 270 -7.06 21.03 36.63
CA SER A 270 -6.09 22.03 37.07
C SER A 270 -5.51 21.69 38.43
N ALA A 271 -4.28 22.15 38.67
CA ALA A 271 -3.61 22.00 39.96
C ALA A 271 -2.50 23.04 40.10
N ASN A 272 -2.05 23.27 41.33
CA ASN A 272 -0.98 24.23 41.60
C ASN A 272 0.37 23.75 41.09
N LYS A 273 1.09 24.64 40.41
CA LYS A 273 2.36 24.33 39.74
C LYS A 273 3.45 23.79 40.66
N PHE A 274 3.68 24.47 41.78
CA PHE A 274 4.77 24.15 42.69
C PHE A 274 4.35 23.13 43.71
N THR A 275 3.04 22.88 43.77
CA THR A 275 2.45 22.13 44.87
C THR A 275 1.76 20.85 44.39
N GLY A 276 0.83 20.99 43.45
CA GLY A 276 0.05 19.85 42.98
C GLY A 276 -1.27 19.76 43.70
N LYS A 277 -1.51 20.70 44.61
CA LYS A 277 -2.78 20.80 45.32
C LYS A 277 -3.72 21.71 44.55
N ASN A 278 -4.85 22.05 45.16
CA ASN A 278 -5.90 22.84 44.50
C ASN A 278 -6.42 22.13 43.24
N GLN A 279 -6.48 20.81 43.28
CA GLN A 279 -6.91 20.04 42.13
C GLN A 279 -8.39 20.26 41.84
N GLU A 280 -8.67 20.84 40.67
CA GLU A 280 -10.03 21.12 40.24
C GLU A 280 -10.37 20.44 38.91
N ILE A 281 -11.66 20.30 38.66
CA ILE A 281 -12.16 19.83 37.38
C ILE A 281 -12.86 21.01 36.70
N ILE A 282 -12.28 21.51 35.63
CA ILE A 282 -12.81 22.67 34.93
C ILE A 282 -14.02 22.29 34.09
N ARG A 283 -13.89 21.20 33.34
CA ARG A 283 -15.00 20.67 32.54
C ARG A 283 -14.96 19.15 32.50
N ASN A 284 -16.15 18.54 32.58
CA ASN A 284 -16.29 17.09 32.45
C ASN A 284 -17.31 16.78 31.37
N LYS A 285 -17.56 15.48 31.13
CA LYS A 285 -18.49 15.03 30.10
C LYS A 285 -18.04 15.46 28.69
N LEU A 286 -16.75 15.73 28.54
CA LEU A 286 -16.19 16.10 27.25
C LEU A 286 -16.16 14.89 26.32
N HIS A 287 -16.24 15.13 25.02
CA HIS A 287 -16.27 14.05 24.04
C HIS A 287 -15.03 13.20 24.05
N PHE A 288 -13.88 13.83 23.78
CA PHE A 288 -12.59 13.15 23.83
C PHE A 288 -11.50 14.22 23.90
N PRO A 289 -11.23 14.73 25.12
CA PRO A 289 -10.27 15.80 25.31
C PRO A 289 -8.91 15.41 24.75
N MET A 290 -8.38 16.26 23.87
CA MET A 290 -7.09 15.99 23.25
C MET A 290 -6.04 16.99 23.70
N ASP A 291 -5.74 17.97 22.84
CA ASP A 291 -4.68 18.93 23.12
C ASP A 291 -5.21 20.22 23.74
N ILE A 292 -4.49 20.75 24.72
CA ILE A 292 -4.92 21.95 25.45
C ILE A 292 -3.84 23.04 25.53
N HIS A 293 -4.30 24.28 25.69
CA HIS A 293 -3.44 25.45 25.72
C HIS A 293 -4.05 26.57 26.51
N THR A 294 -3.21 27.56 26.80
CA THR A 294 -3.68 28.80 27.39
C THR A 294 -3.56 29.92 26.35
N LEU A 295 -4.71 30.45 25.94
CA LEU A 295 -4.76 31.52 24.95
C LEU A 295 -4.52 32.85 25.63
N HIS A 296 -3.33 33.41 25.43
CA HIS A 296 -2.92 34.64 26.09
C HIS A 296 -1.65 35.19 25.49
N PRO A 297 -1.58 36.53 25.32
CA PRO A 297 -0.39 37.18 24.79
C PRO A 297 0.91 36.82 25.53
N GLN A 298 0.84 36.68 26.85
CA GLN A 298 2.01 36.36 27.67
C GLN A 298 2.54 34.95 27.44
N ARG A 299 1.68 34.06 26.92
CA ARG A 299 2.11 32.71 26.57
C ARG A 299 2.76 32.64 25.19
N GLN A 300 2.83 33.80 24.54
CA GLN A 300 3.58 33.95 23.29
C GLN A 300 4.39 35.25 23.34
N PRO A 301 5.32 35.34 24.31
CA PRO A 301 6.09 36.57 24.54
C PRO A 301 6.95 36.97 23.34
N ALA A 302 7.33 38.24 23.28
CA ALA A 302 8.13 38.75 22.17
C ALA A 302 9.59 38.35 22.28
N GLY A 303 10.18 38.00 21.13
CA GLY A 303 11.59 37.63 21.06
C GLY A 303 12.23 38.15 19.79
N LYS A 304 13.56 38.13 19.77
CA LYS A 304 14.32 38.57 18.60
C LYS A 304 14.28 37.52 17.49
N ASN A 305 13.99 37.96 16.28
CA ASN A 305 14.02 37.09 15.11
C ASN A 305 15.45 36.94 14.63
N ARG A 306 15.99 35.74 14.82
CA ARG A 306 17.38 35.44 14.44
C ARG A 306 17.68 35.81 12.99
N CYS A 307 16.70 35.60 12.12
CA CYS A 307 16.84 35.96 10.71
C CYS A 307 16.71 37.48 10.53
N GLY A 308 16.19 38.18 11.54
CA GLY A 308 16.09 39.64 11.54
C GLY A 308 15.30 40.17 10.37
N ASP A 309 15.91 41.10 9.63
CA ASP A 309 15.35 41.57 8.37
C ASP A 309 15.01 40.34 7.54
N ASN A 310 13.82 40.33 6.95
CA ASN A 310 13.32 39.14 6.27
C ASN A 310 14.23 38.63 5.15
N ASN A 311 15.25 39.41 4.80
CA ASN A 311 16.34 38.95 3.95
C ASN A 311 17.05 37.76 4.58
N GLY A 312 16.91 37.66 5.91
CA GLY A 312 17.50 36.58 6.68
C GLY A 312 16.87 35.23 6.40
N GLY A 313 15.72 35.24 5.73
CA GLY A 313 15.04 34.00 5.34
C GLY A 313 15.86 33.14 4.39
N CYS A 314 17.08 33.59 4.09
CA CYS A 314 17.98 32.91 3.16
C CYS A 314 17.31 32.73 1.81
N THR A 315 17.40 31.51 1.26
CA THR A 315 16.69 31.18 0.04
C THR A 315 15.31 30.66 0.37
N HIS A 316 15.25 29.68 1.27
CA HIS A 316 13.98 29.11 1.71
C HIS A 316 13.85 29.17 3.20
N LEU A 317 14.45 28.20 3.87
CA LEU A 317 14.32 28.06 5.31
C LEU A 317 15.48 28.69 6.07
N CYS A 318 15.14 29.46 7.09
CA CYS A 318 16.11 30.03 8.02
C CYS A 318 15.69 29.59 9.41
N LEU A 319 16.52 28.77 10.04
CA LEU A 319 16.18 28.16 11.32
C LEU A 319 17.23 28.46 12.39
N PRO A 320 16.76 28.78 13.61
CA PRO A 320 17.67 29.00 14.73
C PRO A 320 18.46 27.73 15.05
N SER A 321 19.77 27.90 15.20
CA SER A 321 20.68 26.81 15.56
C SER A 321 21.75 27.41 16.46
N GLY A 322 22.03 26.73 17.57
CA GLY A 322 23.01 27.24 18.53
C GLY A 322 22.65 28.65 18.95
N GLN A 323 23.58 29.58 18.78
CA GLN A 323 23.36 30.97 19.19
C GLN A 323 22.95 31.91 18.06
N ASN A 324 23.03 31.44 16.82
CA ASN A 324 22.60 32.26 15.69
C ASN A 324 21.52 31.61 14.84
N TYR A 325 21.92 31.02 13.71
CA TYR A 325 20.99 30.36 12.80
C TYR A 325 21.69 29.63 11.64
N THR A 326 20.94 28.76 10.96
CA THR A 326 21.40 28.13 9.73
C THR A 326 20.31 28.18 8.66
N CYS A 327 20.71 28.03 7.40
CA CYS A 327 19.76 27.98 6.29
C CYS A 327 19.49 26.52 5.92
N ALA A 328 18.27 26.23 5.48
CA ALA A 328 17.86 24.86 5.23
C ALA A 328 17.03 24.67 3.97
N CYS A 329 17.06 23.45 3.44
CA CYS A 329 16.34 23.10 2.24
C CYS A 329 15.07 22.31 2.56
N PRO A 330 13.96 22.66 1.90
CA PRO A 330 12.71 21.89 1.98
C PRO A 330 12.91 20.51 1.38
N THR A 331 11.96 19.60 1.62
CA THR A 331 12.03 18.26 1.05
C THR A 331 12.07 18.31 -0.48
N GLY A 332 12.95 17.52 -1.07
CA GLY A 332 13.12 17.49 -2.53
C GLY A 332 14.07 18.56 -3.04
N PHE A 333 14.87 19.12 -2.13
CA PHE A 333 15.83 20.17 -2.47
C PHE A 333 17.25 19.78 -2.08
N ARG A 334 18.22 20.41 -2.74
CA ARG A 334 19.64 20.19 -2.46
C ARG A 334 20.27 21.49 -1.98
N LYS A 335 21.12 21.39 -0.97
CA LYS A 335 21.81 22.56 -0.42
C LYS A 335 22.90 23.05 -1.37
N ILE A 336 22.92 24.36 -1.60
CA ILE A 336 23.92 24.99 -2.45
C ILE A 336 24.52 26.22 -1.78
N ASN A 337 25.84 26.23 -1.60
CA ASN A 337 26.57 27.38 -1.06
C ASN A 337 26.24 27.75 0.39
N SER A 338 25.41 26.92 1.05
CA SER A 338 25.01 27.10 2.45
C SER A 338 23.97 28.19 2.69
N HIS A 339 23.71 29.01 1.68
CA HIS A 339 22.71 30.07 1.76
C HIS A 339 21.54 29.76 0.86
N ALA A 340 21.80 28.92 -0.15
CA ALA A 340 20.82 28.62 -1.18
C ALA A 340 20.45 27.14 -1.25
N CYS A 341 19.26 26.87 -1.80
CA CYS A 341 18.79 25.51 -2.03
C CYS A 341 18.20 25.40 -3.42
N ALA A 342 18.38 24.26 -4.06
CA ALA A 342 17.80 24.00 -5.37
C ALA A 342 17.24 22.59 -5.48
N LEU A 343 16.18 22.44 -6.26
CA LEU A 343 15.56 21.15 -6.52
C LEU A 343 16.60 20.17 -7.03
N GLU A 344 16.54 18.94 -6.52
CA GLU A 344 17.45 17.88 -6.94
C GLU A 344 17.10 17.36 -8.34
N VAL A 345 15.97 17.82 -8.87
CA VAL A 345 15.50 17.42 -10.20
C VAL A 345 16.26 18.15 -11.31
N LEU A 346 16.95 19.23 -10.96
CA LEU A 346 17.79 19.96 -11.90
C LEU A 346 19.20 19.38 -11.91
N PHE A 347 19.39 18.32 -11.12
CA PHE A 347 20.68 17.65 -10.99
C PHE A 347 20.60 16.17 -11.37
N GLN A 348 19.44 15.75 -11.85
CA GLN A 348 19.19 14.34 -12.16
C GLN A 348 19.33 13.99 -13.64
N GLY A 349 18.70 14.79 -14.50
CA GLY A 349 18.69 14.54 -15.94
C GLY A 349 20.05 14.16 -16.50
N ALA B 1 -2.75 -37.35 12.10
CA ALA B 1 -1.87 -36.16 11.91
C ALA B 1 -0.75 -36.11 12.95
N LEU B 2 0.25 -35.27 12.68
CA LEU B 2 1.34 -35.03 13.61
C LEU B 2 1.21 -33.60 14.13
N GLU B 3 0.72 -33.45 15.35
CA GLU B 3 0.34 -32.14 15.89
C GLU B 3 1.47 -31.32 16.53
N THR B 4 2.56 -31.99 16.91
CA THR B 4 3.68 -31.30 17.56
C THR B 4 5.01 -31.58 16.85
N LEU B 5 5.95 -30.64 16.98
CA LEU B 5 7.27 -30.77 16.37
C LEU B 5 8.40 -30.46 17.35
N ALA B 6 9.45 -31.28 17.28
CA ALA B 6 10.63 -31.09 18.12
C ALA B 6 11.82 -30.64 17.28
N PHE B 7 12.46 -29.55 17.69
CA PHE B 7 13.58 -28.99 16.97
C PHE B 7 14.85 -29.12 17.81
N ASP B 8 15.87 -29.75 17.22
CA ASP B 8 17.12 -30.03 17.92
C ASP B 8 18.22 -29.02 17.65
N GLY B 9 17.89 -27.98 16.88
CA GLY B 9 18.85 -26.94 16.51
C GLY B 9 19.34 -27.08 15.09
N ARG B 10 19.22 -28.28 14.54
CA ARG B 10 19.60 -28.56 13.16
C ARG B 10 18.37 -28.71 12.26
N THR B 11 17.20 -28.63 12.88
CA THR B 11 15.93 -28.83 12.18
C THR B 11 15.48 -27.57 11.45
N TYR B 12 15.43 -27.65 10.13
CA TYR B 12 15.01 -26.53 9.30
C TYR B 12 13.93 -27.02 8.33
N ILE B 13 12.72 -26.50 8.50
CA ILE B 13 11.57 -26.97 7.73
C ILE B 13 11.02 -25.88 6.83
N GLU B 14 10.81 -26.21 5.56
CA GLU B 14 10.32 -25.24 4.58
C GLU B 14 8.82 -25.39 4.30
N TYR B 15 8.14 -24.25 4.24
CA TYR B 15 6.74 -24.18 3.86
C TYR B 15 6.60 -23.10 2.80
N LEU B 16 5.61 -23.26 1.91
CA LEU B 16 5.32 -22.24 0.92
C LEU B 16 4.21 -21.33 1.41
N ASN B 17 4.61 -20.13 1.83
CA ASN B 17 3.72 -19.15 2.41
C ASN B 17 2.76 -18.59 1.36
N ALA B 18 3.27 -17.72 0.49
CA ALA B 18 2.49 -17.18 -0.60
C ALA B 18 3.33 -17.08 -1.87
N VAL B 19 3.10 -17.99 -2.80
CA VAL B 19 3.78 -17.97 -4.09
C VAL B 19 2.79 -17.65 -5.20
N ILE B 20 3.31 -17.48 -6.43
CA ILE B 20 2.46 -17.33 -7.59
C ILE B 20 2.35 -18.68 -8.29
N GLU B 21 1.21 -19.33 -8.11
CA GLU B 21 0.95 -20.62 -8.74
C GLU B 21 0.50 -20.42 -10.18
N SER B 22 1.43 -20.00 -11.02
CA SER B 22 1.17 -19.72 -12.43
C SER B 22 0.54 -20.91 -13.15
N GLU B 23 0.91 -22.11 -12.74
CA GLU B 23 0.37 -23.35 -13.32
C GLU B 23 -1.13 -23.48 -13.11
N LEU B 24 -1.60 -22.99 -11.97
CA LEU B 24 -3.01 -23.06 -11.61
C LEU B 24 -3.77 -21.76 -11.88
N THR B 25 -3.07 -20.64 -11.75
CA THR B 25 -3.70 -19.32 -11.84
C THR B 25 -3.54 -18.66 -13.21
N ASN B 26 -2.59 -19.16 -14.01
CA ASN B 26 -2.29 -18.58 -15.33
C ASN B 26 -1.77 -17.15 -15.24
N GLU B 27 -1.34 -16.77 -14.03
CA GLU B 27 -0.77 -15.45 -13.80
C GLU B 27 0.72 -15.49 -14.09
N ILE B 28 1.28 -14.35 -14.49
CA ILE B 28 2.72 -14.25 -14.73
C ILE B 28 3.47 -14.56 -13.43
N PRO B 29 4.42 -15.51 -13.48
CA PRO B 29 5.25 -15.81 -12.31
C PRO B 29 6.16 -14.65 -11.95
N ALA B 30 6.33 -14.43 -10.65
CA ALA B 30 7.16 -13.36 -10.10
C ALA B 30 7.16 -13.46 -8.59
N GLU B 31 8.09 -12.76 -7.94
CA GLU B 31 8.09 -12.66 -6.49
C GLU B 31 6.85 -11.91 -6.04
N LYS B 32 6.17 -12.44 -5.02
CA LYS B 32 4.97 -11.80 -4.50
C LYS B 32 5.35 -10.64 -3.58
N ALA B 33 4.59 -9.55 -3.68
CA ALA B 33 4.78 -8.39 -2.83
C ALA B 33 3.73 -8.37 -1.73
N LEU B 34 4.18 -8.41 -0.48
CA LEU B 34 3.28 -8.57 0.66
C LEU B 34 3.04 -7.29 1.44
N GLN B 35 1.77 -6.90 1.51
CA GLN B 35 1.35 -5.75 2.29
C GLN B 35 1.27 -6.13 3.77
N SER B 36 0.90 -7.38 4.02
CA SER B 36 0.58 -7.83 5.37
C SER B 36 1.12 -9.21 5.71
N ASN B 37 1.63 -9.34 6.93
CA ASN B 37 2.03 -10.63 7.48
C ASN B 37 1.30 -10.91 8.79
N HIS B 38 0.87 -12.14 8.98
CA HIS B 38 0.31 -12.59 10.24
C HIS B 38 0.57 -14.05 10.48
N PHE B 39 1.02 -14.37 11.68
CA PHE B 39 1.19 -15.76 12.10
C PHE B 39 1.06 -15.93 13.61
N GLU B 40 0.72 -17.15 14.01
CA GLU B 40 0.59 -17.52 15.42
C GLU B 40 1.23 -18.87 15.64
N LEU B 41 1.83 -19.05 16.82
CA LEU B 41 2.40 -20.34 17.20
C LEU B 41 2.53 -20.49 18.70
N SER B 42 2.50 -21.74 19.16
CA SER B 42 2.80 -22.07 20.55
C SER B 42 4.22 -22.62 20.64
N LEU B 43 4.95 -22.18 21.67
CA LEU B 43 6.36 -22.49 21.78
C LEU B 43 6.76 -22.90 23.19
N ARG B 44 7.63 -23.91 23.28
CA ARG B 44 8.18 -24.38 24.54
C ARG B 44 9.69 -24.56 24.39
N THR B 45 10.47 -23.90 25.23
CA THR B 45 11.94 -23.97 25.14
C THR B 45 12.67 -23.68 26.45
N GLU B 46 13.89 -24.20 26.57
CA GLU B 46 14.81 -23.83 27.63
C GLU B 46 15.92 -22.93 27.08
N ALA B 47 15.88 -22.69 25.76
CA ALA B 47 16.91 -21.92 25.07
C ALA B 47 16.72 -20.42 25.24
N THR B 48 17.85 -19.71 25.32
CA THR B 48 17.85 -18.26 25.40
C THR B 48 18.28 -17.63 24.08
N GLN B 49 18.70 -18.47 23.13
CA GLN B 49 19.17 -18.02 21.82
C GLN B 49 18.75 -18.99 20.71
N GLY B 50 18.41 -18.44 19.54
CA GLY B 50 18.08 -19.26 18.37
C GLY B 50 17.08 -18.63 17.43
N LEU B 51 17.03 -19.14 16.20
CA LEU B 51 16.08 -18.68 15.19
C LEU B 51 14.89 -19.64 15.09
N VAL B 52 13.69 -19.07 15.08
CA VAL B 52 12.46 -19.86 15.14
C VAL B 52 11.75 -19.91 13.77
N LEU B 53 11.46 -18.74 13.21
CA LEU B 53 10.71 -18.63 11.96
C LEU B 53 11.37 -17.63 11.03
N TRP B 54 11.36 -17.93 9.73
CA TRP B 54 11.93 -17.03 8.73
C TRP B 54 11.06 -16.94 7.50
N ILE B 55 10.67 -15.72 7.15
CA ILE B 55 9.86 -15.48 5.95
C ILE B 55 10.69 -14.74 4.90
N GLY B 56 10.42 -15.04 3.63
CA GLY B 56 11.12 -14.40 2.52
C GLY B 56 12.27 -15.25 2.01
N LYS B 57 13.03 -14.70 1.06
CA LYS B 57 14.15 -15.40 0.45
C LYS B 57 15.33 -15.57 1.41
N ALA B 58 16.22 -16.48 1.04
CA ALA B 58 17.51 -16.63 1.71
C ALA B 58 18.61 -16.13 0.78
N ALA B 59 18.77 -14.81 0.73
CA ALA B 59 19.76 -14.17 -0.14
C ALA B 59 20.23 -12.84 0.45
N GLU B 60 21.36 -12.36 -0.05
CA GLU B 60 21.96 -11.11 0.40
C GLU B 60 21.04 -9.93 0.11
N ARG B 61 20.75 -9.14 1.15
CA ARG B 61 19.92 -7.94 1.01
C ARG B 61 18.48 -8.24 0.55
N ALA B 62 18.12 -9.52 0.51
CA ALA B 62 16.75 -9.91 0.21
C ALA B 62 15.87 -9.63 1.42
N ASP B 63 14.62 -9.25 1.17
CA ASP B 63 13.66 -8.95 2.23
C ASP B 63 13.44 -10.14 3.15
N TYR B 64 12.99 -9.87 4.38
CA TYR B 64 12.81 -10.92 5.37
C TYR B 64 11.93 -10.51 6.54
N MET B 65 11.28 -11.49 7.15
CA MET B 65 10.68 -11.35 8.47
C MET B 65 11.14 -12.53 9.32
N ALA B 66 11.70 -12.23 10.47
CA ALA B 66 12.26 -13.26 11.35
C ALA B 66 11.79 -13.11 12.78
N LEU B 67 11.40 -14.24 13.36
CA LEU B 67 11.13 -14.32 14.78
C LEU B 67 12.27 -15.09 15.44
N ALA B 68 13.00 -14.43 16.33
CA ALA B 68 14.18 -15.04 16.94
C ALA B 68 14.27 -14.83 18.44
N ILE B 69 14.90 -15.78 19.12
CA ILE B 69 15.19 -15.65 20.54
C ILE B 69 16.56 -15.02 20.70
N VAL B 70 16.59 -13.85 21.35
CA VAL B 70 17.84 -13.16 21.65
C VAL B 70 17.86 -12.82 23.13
N ASP B 71 18.86 -13.37 23.84
CA ASP B 71 19.01 -13.15 25.28
C ASP B 71 17.72 -13.48 26.05
N GLY B 72 17.15 -14.65 25.78
CA GLY B 72 15.98 -15.13 26.50
C GLY B 72 14.66 -14.45 26.17
N HIS B 73 14.69 -13.51 25.23
CA HIS B 73 13.49 -12.80 24.82
C HIS B 73 13.23 -12.93 23.34
N LEU B 74 11.98 -13.26 23.00
CA LEU B 74 11.56 -13.32 21.60
C LEU B 74 11.49 -11.92 21.02
N GLN B 75 11.78 -11.81 19.73
CA GLN B 75 11.71 -10.53 19.03
C GLN B 75 11.33 -10.69 17.56
N LEU B 76 10.64 -9.69 17.03
CA LEU B 76 10.25 -9.68 15.63
C LEU B 76 11.01 -8.60 14.87
N SER B 77 11.73 -9.01 13.84
CA SER B 77 12.47 -8.09 12.98
C SER B 77 12.07 -8.31 11.54
N TYR B 78 12.07 -7.22 10.76
CA TYR B 78 11.78 -7.30 9.33
C TYR B 78 12.32 -6.11 8.54
N ASP B 79 12.84 -6.39 7.36
CA ASP B 79 13.35 -5.36 6.46
C ASP B 79 12.60 -5.43 5.14
N LEU B 80 12.00 -4.31 4.75
CA LEU B 80 11.16 -4.27 3.54
C LEU B 80 11.85 -3.61 2.34
N GLY B 81 13.15 -3.32 2.49
CA GLY B 81 13.89 -2.61 1.45
C GLY B 81 14.44 -1.32 2.05
N SER B 82 13.60 -0.64 2.84
CA SER B 82 14.06 0.40 3.73
C SER B 82 14.68 -0.32 4.92
N GLN B 83 15.21 0.42 5.89
CA GLN B 83 15.93 -0.21 7.01
C GLN B 83 15.06 -1.15 7.85
N PRO B 84 15.70 -2.08 8.60
CA PRO B 84 14.95 -3.02 9.41
C PRO B 84 14.46 -2.44 10.73
N VAL B 85 13.42 -3.05 11.29
CA VAL B 85 12.93 -2.68 12.62
C VAL B 85 12.98 -3.93 13.51
N VAL B 86 13.16 -3.72 14.81
CA VAL B 86 13.18 -4.82 15.77
C VAL B 86 12.13 -4.60 16.86
N LEU B 87 11.28 -5.60 17.08
CA LEU B 87 10.28 -5.56 18.14
C LEU B 87 10.56 -6.63 19.17
N ARG B 88 11.10 -6.20 20.32
CA ARG B 88 11.51 -7.11 21.38
C ARG B 88 10.39 -7.28 22.41
N SER B 89 10.09 -8.54 22.75
CA SER B 89 9.09 -8.86 23.76
C SER B 89 9.67 -8.71 25.17
N THR B 90 8.80 -8.61 26.16
CA THR B 90 9.21 -8.43 27.55
C THR B 90 9.22 -9.73 28.34
N VAL B 91 8.81 -10.82 27.70
CA VAL B 91 8.66 -12.12 28.36
C VAL B 91 9.90 -12.99 28.20
N LYS B 92 10.35 -13.59 29.30
CA LYS B 92 11.38 -14.62 29.25
C LYS B 92 10.76 -15.93 28.80
N VAL B 93 11.28 -16.47 27.69
CA VAL B 93 10.69 -17.63 27.03
C VAL B 93 11.24 -18.98 27.51
N ASN B 94 12.41 -18.96 28.14
CA ASN B 94 13.11 -20.18 28.53
C ASN B 94 12.53 -20.87 29.78
N THR B 95 11.32 -20.48 30.16
CA THR B 95 10.61 -21.07 31.29
C THR B 95 10.29 -22.55 31.05
N ASN B 96 10.45 -23.00 29.80
CA ASN B 96 10.13 -24.37 29.41
C ASN B 96 8.64 -24.68 29.56
N ARG B 97 7.83 -23.64 29.42
CA ARG B 97 6.37 -23.76 29.45
C ARG B 97 5.79 -23.23 28.15
N TRP B 98 4.67 -23.81 27.72
CA TRP B 98 4.02 -23.43 26.48
C TRP B 98 3.64 -21.97 26.43
N LEU B 99 4.03 -21.30 25.36
CA LEU B 99 3.79 -19.87 25.20
C LEU B 99 3.16 -19.55 23.86
N ARG B 100 2.11 -18.75 23.88
CA ARG B 100 1.47 -18.29 22.65
C ARG B 100 2.16 -17.07 22.10
N ILE B 101 2.44 -17.08 20.80
CA ILE B 101 3.03 -15.94 20.12
C ILE B 101 2.06 -15.43 19.06
N ARG B 102 1.91 -14.11 18.99
CA ARG B 102 1.08 -13.47 17.98
C ARG B 102 1.84 -12.34 17.31
N ALA B 103 2.07 -12.49 16.00
CA ALA B 103 2.82 -11.51 15.23
C ALA B 103 2.00 -11.04 14.04
N HIS B 104 2.03 -9.73 13.80
CA HIS B 104 1.27 -9.15 12.71
C HIS B 104 1.97 -7.95 12.13
N ARG B 105 1.84 -7.78 10.82
CA ARG B 105 2.40 -6.63 10.12
C ARG B 105 1.39 -6.06 9.13
N GLU B 106 1.13 -4.77 9.26
CA GLU B 106 0.41 -4.00 8.25
C GLU B 106 1.40 -3.02 7.65
N HIS B 107 1.84 -3.29 6.43
CA HIS B 107 2.83 -2.44 5.76
C HIS B 107 4.05 -2.25 6.61
N ARG B 108 4.29 -1.02 7.06
CA ARG B 108 5.43 -0.71 7.92
C ARG B 108 5.17 -1.09 9.37
N GLU B 109 3.89 -1.17 9.74
CA GLU B 109 3.49 -1.35 11.14
C GLU B 109 3.37 -2.81 11.55
N GLY B 110 4.24 -3.22 12.47
CA GLY B 110 4.19 -4.56 13.04
C GLY B 110 3.80 -4.56 14.51
N SER B 111 3.51 -5.74 15.03
CA SER B 111 3.23 -5.93 16.45
C SER B 111 3.65 -7.33 16.89
N LEU B 112 4.10 -7.44 18.13
CA LEU B 112 4.48 -8.74 18.70
C LEU B 112 3.91 -8.90 20.10
N GLN B 113 3.28 -10.04 20.34
CA GLN B 113 2.74 -10.35 21.66
C GLN B 113 3.11 -11.77 22.09
N VAL B 114 3.77 -11.87 23.24
CA VAL B 114 4.11 -13.17 23.81
C VAL B 114 3.30 -13.40 25.08
N GLY B 115 2.42 -14.41 25.04
CA GLY B 115 1.49 -14.66 26.12
C GLY B 115 0.48 -13.54 26.27
N ASN B 116 0.29 -13.09 27.50
CA ASN B 116 -0.68 -12.04 27.81
C ASN B 116 -0.05 -10.66 28.01
N GLU B 117 1.21 -10.52 27.63
CA GLU B 117 1.90 -9.23 27.71
C GLU B 117 1.22 -8.20 26.83
N ALA B 118 1.46 -6.92 27.13
CA ALA B 118 1.00 -5.84 26.25
C ALA B 118 1.79 -5.92 24.95
N PRO B 119 1.08 -5.98 23.81
CA PRO B 119 1.74 -6.08 22.50
C PRO B 119 2.80 -5.00 22.29
N VAL B 120 3.96 -5.40 21.79
CA VAL B 120 5.03 -4.46 21.46
C VAL B 120 4.86 -4.03 20.01
N THR B 121 4.85 -2.71 19.78
CA THR B 121 4.58 -2.18 18.44
C THR B 121 5.60 -1.15 17.98
N GLY B 122 5.81 -1.12 16.66
CA GLY B 122 6.73 -0.17 16.03
C GLY B 122 6.61 -0.26 14.53
N SER B 123 7.28 0.64 13.83
CA SER B 123 7.22 0.68 12.38
C SER B 123 8.61 0.57 11.76
N SER B 124 8.69 -0.12 10.63
CA SER B 124 9.87 -0.06 9.78
C SER B 124 9.90 1.33 9.15
N PRO B 125 11.10 1.87 8.90
CA PRO B 125 11.24 3.23 8.36
C PRO B 125 10.49 3.43 7.04
N LEU B 126 10.18 4.68 6.74
CA LEU B 126 9.36 5.04 5.60
C LEU B 126 10.03 4.71 4.25
N GLY B 127 9.21 4.38 3.25
CA GLY B 127 9.70 4.11 1.90
C GLY B 127 9.40 2.74 1.35
N ALA B 128 9.19 1.77 2.23
CA ALA B 128 8.87 0.41 1.80
C ALA B 128 7.77 -0.21 2.66
N THR B 129 6.64 -0.50 2.03
CA THR B 129 5.49 -1.07 2.72
C THR B 129 5.39 -2.58 2.49
N GLN B 130 6.13 -3.07 1.49
CA GLN B 130 5.96 -4.44 1.02
C GLN B 130 7.17 -5.33 1.24
N LEU B 131 6.90 -6.59 1.58
CA LEU B 131 7.93 -7.60 1.71
C LEU B 131 7.91 -8.51 0.49
N ASP B 132 8.97 -8.48 -0.31
CA ASP B 132 9.05 -9.29 -1.51
C ASP B 132 9.61 -10.67 -1.22
N THR B 133 8.77 -11.67 -1.42
CA THR B 133 9.08 -13.05 -1.02
C THR B 133 9.08 -14.02 -2.20
N ASP B 134 9.85 -15.10 -2.06
CA ASP B 134 9.79 -16.22 -2.98
C ASP B 134 8.70 -17.18 -2.55
N GLY B 135 7.97 -16.78 -1.51
CA GLY B 135 6.90 -17.59 -0.92
C GLY B 135 7.44 -18.53 0.14
N ALA B 136 8.74 -18.46 0.41
CA ALA B 136 9.38 -19.34 1.37
C ALA B 136 9.09 -18.94 2.81
N LEU B 137 8.72 -19.95 3.61
CA LEU B 137 8.55 -19.78 5.05
C LEU B 137 9.31 -20.88 5.77
N TRP B 138 10.31 -20.49 6.54
CA TRP B 138 11.21 -21.42 7.21
C TRP B 138 10.92 -21.57 8.68
N LEU B 139 10.91 -22.82 9.13
CA LEU B 139 10.68 -23.13 10.55
C LEU B 139 11.87 -23.86 11.16
N GLY B 140 12.25 -23.43 12.37
CA GLY B 140 13.34 -24.07 13.11
C GLY B 140 14.71 -23.45 12.90
N GLY B 141 14.83 -22.58 11.90
CA GLY B 141 16.09 -21.90 11.61
C GLY B 141 16.49 -21.94 10.14
N LEU B 142 17.78 -21.72 9.88
CA LEU B 142 18.33 -21.76 8.52
C LEU B 142 19.69 -22.46 8.49
N GLN B 143 19.96 -23.18 7.40
CA GLN B 143 21.23 -23.91 7.21
C GLN B 143 22.41 -22.95 7.16
N LYS B 144 22.29 -21.93 6.32
CA LYS B 144 23.28 -20.86 6.25
C LYS B 144 22.53 -19.56 6.04
N LEU B 145 22.93 -18.53 6.78
CA LEU B 145 22.22 -17.25 6.75
C LEU B 145 22.29 -16.56 5.40
N PRO B 146 21.21 -15.83 5.03
CA PRO B 146 21.23 -14.99 3.85
C PRO B 146 22.52 -14.17 3.87
N VAL B 147 23.21 -14.15 2.73
CA VAL B 147 24.62 -13.76 2.68
C VAL B 147 24.96 -12.31 3.08
N GLY B 148 23.98 -11.40 3.03
CA GLY B 148 24.19 -10.06 3.56
C GLY B 148 24.26 -10.16 5.08
N GLN B 149 25.43 -9.85 5.65
CA GLN B 149 25.64 -10.02 7.09
C GLN B 149 25.34 -8.75 7.87
N ALA B 150 24.10 -8.65 8.37
CA ALA B 150 23.69 -7.54 9.21
C ALA B 150 22.99 -8.06 10.47
N LEU B 151 22.72 -9.36 10.46
CA LEU B 151 21.96 -10.03 11.52
C LEU B 151 22.80 -10.31 12.77
N PRO B 152 22.12 -10.42 13.94
CA PRO B 152 22.76 -10.82 15.19
C PRO B 152 23.22 -12.28 15.13
N LYS B 153 24.10 -12.65 16.06
CA LYS B 153 24.66 -14.00 16.11
C LYS B 153 23.59 -15.07 16.37
N ALA B 154 22.56 -14.69 17.12
CA ALA B 154 21.47 -15.59 17.48
C ALA B 154 20.66 -16.07 16.28
N TYR B 155 20.61 -15.25 15.22
CA TYR B 155 19.87 -15.58 14.01
C TYR B 155 20.48 -16.76 13.26
N GLY B 156 21.79 -16.95 13.43
CA GLY B 156 22.49 -18.10 12.85
C GLY B 156 22.12 -19.41 13.53
N THR B 157 21.87 -19.36 14.84
CA THR B 157 21.56 -20.54 15.64
C THR B 157 20.21 -21.15 15.32
N GLY B 158 20.17 -22.47 15.21
CA GLY B 158 18.93 -23.19 14.98
C GLY B 158 18.10 -23.33 16.25
N PHE B 159 16.78 -23.32 16.08
CA PHE B 159 15.85 -23.40 17.20
C PHE B 159 15.93 -24.74 17.92
N VAL B 160 16.03 -24.68 19.25
CA VAL B 160 15.93 -25.86 20.10
C VAL B 160 14.69 -25.73 20.98
N GLY B 161 13.79 -26.70 20.86
CA GLY B 161 12.54 -26.70 21.61
C GLY B 161 11.43 -27.34 20.79
N CYS B 162 10.18 -26.99 21.11
CA CYS B 162 9.04 -27.56 20.42
C CYS B 162 8.09 -26.50 19.89
N LEU B 163 7.18 -26.93 19.02
CA LEU B 163 6.21 -26.05 18.36
C LEU B 163 4.90 -26.78 18.13
N ARG B 164 3.80 -26.02 18.17
CA ARG B 164 2.47 -26.54 17.86
C ARG B 164 1.53 -25.41 17.44
N ASP B 165 0.32 -25.77 17.00
CA ASP B 165 -0.73 -24.82 16.65
C ASP B 165 -0.20 -23.59 15.91
N VAL B 166 0.35 -23.82 14.72
CA VAL B 166 0.97 -22.75 13.93
C VAL B 166 0.01 -22.17 12.89
N VAL B 167 -0.39 -20.92 13.11
CA VAL B 167 -1.24 -20.20 12.17
C VAL B 167 -0.35 -19.36 11.25
N VAL B 168 -0.64 -19.42 9.94
CA VAL B 168 0.09 -18.65 8.94
C VAL B 168 -0.91 -17.98 8.01
N GLY B 169 -0.90 -16.65 8.01
CA GLY B 169 -1.96 -15.89 7.34
C GLY B 169 -3.28 -16.22 8.01
N HIS B 170 -4.22 -16.75 7.24
CA HIS B 170 -5.51 -17.18 7.76
C HIS B 170 -5.59 -18.67 7.87
N ARG B 171 -4.53 -19.36 7.44
CA ARG B 171 -4.51 -20.81 7.39
C ARG B 171 -3.66 -21.42 8.50
N GLN B 172 -4.29 -22.33 9.25
CA GLN B 172 -3.58 -23.13 10.24
C GLN B 172 -2.75 -24.19 9.52
N LEU B 173 -1.52 -24.39 9.99
CA LEU B 173 -0.56 -25.24 9.31
C LEU B 173 -0.68 -26.71 9.68
N HIS B 174 -0.49 -27.57 8.68
CA HIS B 174 -0.29 -28.99 8.91
C HIS B 174 1.19 -29.19 8.94
N LEU B 175 1.74 -29.26 10.15
CA LEU B 175 3.20 -29.27 10.36
C LEU B 175 3.94 -30.31 9.53
N LEU B 176 3.39 -31.51 9.44
CA LEU B 176 4.02 -32.59 8.69
C LEU B 176 3.73 -32.51 7.18
N GLU B 177 2.45 -32.58 6.83
CA GLU B 177 2.02 -32.75 5.44
C GLU B 177 2.09 -31.49 4.56
N ASP B 178 2.27 -30.33 5.18
CA ASP B 178 2.42 -29.09 4.43
C ASP B 178 3.88 -28.70 4.23
N ALA B 179 4.78 -29.48 4.82
CA ALA B 179 6.20 -29.17 4.77
C ALA B 179 6.81 -29.53 3.42
N VAL B 180 7.31 -28.51 2.74
CA VAL B 180 7.96 -28.70 1.43
C VAL B 180 9.32 -29.36 1.58
N THR B 181 10.14 -28.87 2.51
CA THR B 181 11.45 -29.43 2.79
C THR B 181 11.57 -29.73 4.27
N LYS B 182 11.90 -30.98 4.60
CA LYS B 182 11.98 -31.39 6.00
C LYS B 182 12.90 -32.59 6.24
N PRO B 183 13.54 -32.61 7.42
CA PRO B 183 14.22 -33.80 7.94
C PRO B 183 13.19 -34.71 8.60
N GLU B 184 13.64 -35.77 9.30
CA GLU B 184 12.72 -36.67 10.01
C GLU B 184 11.96 -35.94 11.11
N LEU B 185 10.66 -36.21 11.23
CA LEU B 185 9.81 -35.45 12.14
C LEU B 185 9.26 -36.23 13.32
N ARG B 186 9.49 -35.65 14.49
CA ARG B 186 9.16 -36.24 15.76
C ARG B 186 8.35 -35.24 16.57
N PRO B 187 7.33 -35.72 17.29
CA PRO B 187 6.50 -34.87 18.16
C PRO B 187 7.30 -34.37 19.35
N CYS B 188 6.81 -33.32 20.01
CA CYS B 188 7.47 -32.81 21.20
C CYS B 188 7.51 -33.89 22.28
N PRO B 189 8.69 -34.14 22.85
CA PRO B 189 8.85 -35.26 23.79
C PRO B 189 8.36 -35.08 25.24
N THR B 190 8.61 -33.93 25.86
CA THR B 190 8.35 -33.78 27.32
C THR B 190 7.10 -32.96 27.71
N PRO B 191 5.90 -33.46 27.38
CA PRO B 191 4.67 -32.70 27.66
C PRO B 191 4.21 -32.88 29.11
N LEU C 2 -18.86 -24.42 18.30
CA LEU C 2 -18.83 -22.93 18.26
C LEU C 2 -20.24 -22.35 18.44
N GLU C 3 -20.85 -21.88 17.35
CA GLU C 3 -22.16 -21.22 17.40
C GLU C 3 -22.64 -20.93 16.00
N THR C 4 -23.96 -20.85 15.85
CA THR C 4 -24.55 -20.57 14.55
C THR C 4 -25.65 -19.50 14.65
N LEU C 5 -25.46 -18.39 13.94
CA LEU C 5 -26.49 -17.38 13.83
C LEU C 5 -27.40 -17.72 12.66
N ALA C 6 -28.69 -17.82 12.92
CA ALA C 6 -29.68 -18.12 11.89
C ALA C 6 -30.40 -16.85 11.45
N PHE C 7 -30.75 -16.79 10.17
CA PHE C 7 -31.37 -15.59 9.60
C PHE C 7 -32.69 -15.91 8.90
N ASP C 8 -33.74 -15.19 9.29
CA ASP C 8 -35.07 -15.39 8.74
C ASP C 8 -35.35 -14.57 7.49
N GLY C 9 -34.41 -13.69 7.14
CA GLY C 9 -34.58 -12.78 6.01
C GLY C 9 -34.88 -11.37 6.49
N ARG C 10 -35.48 -11.27 7.67
CA ARG C 10 -35.74 -9.98 8.31
C ARG C 10 -34.66 -9.67 9.35
N THR C 11 -33.72 -10.62 9.51
CA THR C 11 -32.64 -10.47 10.48
C THR C 11 -31.42 -9.79 9.88
N TYR C 12 -31.13 -8.59 10.38
CA TYR C 12 -29.98 -7.83 9.93
C TYR C 12 -29.15 -7.41 11.13
N ILE C 13 -28.01 -8.09 11.31
CA ILE C 13 -27.18 -7.89 12.50
C ILE C 13 -25.99 -6.98 12.23
N GLU C 14 -25.85 -5.96 13.07
CA GLU C 14 -24.81 -4.95 12.94
C GLU C 14 -23.66 -5.20 13.92
N TYR C 15 -22.43 -5.10 13.40
CA TYR C 15 -21.23 -5.26 14.21
C TYR C 15 -20.30 -4.07 13.97
N LEU C 16 -19.47 -3.76 14.96
CA LEU C 16 -18.42 -2.75 14.78
C LEU C 16 -17.14 -3.42 14.31
N ASN C 17 -16.41 -2.74 13.42
CA ASN C 17 -15.07 -3.16 13.06
C ASN C 17 -14.17 -3.01 14.29
N ALA C 18 -13.26 -3.95 14.49
CA ALA C 18 -12.37 -3.94 15.65
C ALA C 18 -11.77 -2.55 15.85
N VAL C 19 -12.03 -1.95 17.01
CA VAL C 19 -11.65 -0.56 17.28
C VAL C 19 -10.26 -0.47 17.91
N ILE C 20 -9.75 0.76 18.00
CA ILE C 20 -8.55 1.05 18.77
C ILE C 20 -8.95 1.19 20.23
N GLU C 21 -8.27 0.43 21.09
CA GLU C 21 -8.41 0.63 22.52
C GLU C 21 -7.27 1.51 23.00
N SER C 22 -7.54 2.81 23.08
CA SER C 22 -6.55 3.80 23.45
C SER C 22 -6.17 3.68 24.91
N GLU C 23 -7.11 3.17 25.71
CA GLU C 23 -6.90 2.90 27.12
C GLU C 23 -5.66 2.04 27.34
N LEU C 24 -5.55 0.97 26.56
CA LEU C 24 -4.45 0.01 26.68
C LEU C 24 -3.24 0.38 25.83
N THR C 25 -3.48 0.95 24.66
CA THR C 25 -2.41 1.21 23.69
C THR C 25 -1.82 2.61 23.80
N ASN C 26 -2.56 3.54 24.41
CA ASN C 26 -2.19 4.96 24.44
C ASN C 26 -2.14 5.56 23.03
N GLU C 27 -2.71 4.83 22.07
CA GLU C 27 -2.69 5.25 20.68
C GLU C 27 -3.88 6.16 20.39
N ILE C 28 -3.63 7.25 19.66
CA ILE C 28 -4.67 8.20 19.29
C ILE C 28 -5.86 7.50 18.61
N PRO C 29 -7.07 7.67 19.18
CA PRO C 29 -8.27 7.06 18.59
C PRO C 29 -8.61 7.67 17.23
N ALA C 30 -9.12 6.84 16.33
CA ALA C 30 -9.45 7.25 14.97
C ALA C 30 -10.07 6.09 14.19
N GLU C 31 -10.77 6.42 13.11
CA GLU C 31 -11.16 5.41 12.13
C GLU C 31 -10.89 5.90 10.71
N LYS C 32 -9.80 5.42 10.15
CA LYS C 32 -9.41 5.73 8.78
C LYS C 32 -10.12 4.77 7.83
N ALA C 33 -10.25 5.18 6.57
CA ALA C 33 -10.74 4.30 5.52
C ALA C 33 -9.81 3.08 5.43
N LEU C 34 -10.35 1.95 4.99
CA LEU C 34 -9.61 0.68 5.09
C LEU C 34 -8.67 0.38 3.92
N GLN C 35 -7.48 -0.14 4.25
CA GLN C 35 -6.50 -0.57 3.26
C GLN C 35 -6.88 -1.92 2.67
N SER C 36 -7.20 -2.87 3.55
CA SER C 36 -7.51 -4.23 3.14
C SER C 36 -8.56 -4.88 4.04
N ASN C 37 -9.34 -5.78 3.45
CA ASN C 37 -10.36 -6.53 4.16
C ASN C 37 -10.17 -8.04 3.97
N HIS C 38 -10.42 -8.82 5.02
CA HIS C 38 -10.51 -10.27 4.90
C HIS C 38 -11.66 -10.84 5.69
N PHE C 39 -12.51 -11.61 5.03
CA PHE C 39 -13.65 -12.25 5.69
C PHE C 39 -13.68 -13.76 5.47
N GLU C 40 -13.71 -14.50 6.57
CA GLU C 40 -13.87 -15.95 6.51
C GLU C 40 -15.14 -16.33 7.25
N LEU C 41 -16.04 -17.02 6.54
CA LEU C 41 -17.33 -17.42 7.11
C LEU C 41 -17.85 -18.71 6.47
N SER C 42 -18.69 -19.41 7.21
CA SER C 42 -19.33 -20.63 6.72
C SER C 42 -20.81 -20.40 6.50
N LEU C 43 -21.35 -20.97 5.44
CA LEU C 43 -22.73 -20.70 5.03
C LEU C 43 -23.49 -21.96 4.61
N ARG C 44 -24.76 -22.03 5.04
CA ARG C 44 -25.68 -23.09 4.61
C ARG C 44 -27.03 -22.47 4.26
N THR C 45 -27.49 -22.70 3.03
CA THR C 45 -28.73 -22.07 2.56
C THR C 45 -29.46 -22.88 1.49
N GLU C 46 -30.76 -22.63 1.37
CA GLU C 46 -31.59 -23.14 0.27
C GLU C 46 -31.92 -22.02 -0.71
N ALA C 47 -31.53 -20.81 -0.36
CA ALA C 47 -31.91 -19.60 -1.11
C ALA C 47 -31.18 -19.44 -2.44
N THR C 48 -31.88 -18.88 -3.42
CA THR C 48 -31.30 -18.60 -4.73
C THR C 48 -30.66 -17.21 -4.80
N GLN C 49 -31.25 -16.24 -4.10
CA GLN C 49 -30.74 -14.87 -4.10
C GLN C 49 -30.81 -14.23 -2.72
N GLY C 50 -29.73 -13.53 -2.33
CA GLY C 50 -29.68 -12.86 -1.04
C GLY C 50 -28.47 -11.98 -0.83
N LEU C 51 -28.68 -10.87 -0.13
CA LEU C 51 -27.57 -10.02 0.31
C LEU C 51 -27.09 -10.59 1.64
N VAL C 52 -25.81 -10.94 1.73
CA VAL C 52 -25.28 -11.56 2.95
C VAL C 52 -24.44 -10.60 3.80
N LEU C 53 -23.44 -9.99 3.21
CA LEU C 53 -22.51 -9.13 3.95
C LEU C 53 -22.38 -7.73 3.37
N TRP C 54 -22.35 -6.75 4.27
CA TRP C 54 -22.15 -5.36 3.88
C TRP C 54 -21.16 -4.67 4.79
N ILE C 55 -19.97 -4.41 4.24
CA ILE C 55 -19.02 -3.48 4.84
C ILE C 55 -19.23 -2.22 4.04
N GLY C 56 -19.82 -1.20 4.65
CA GLY C 56 -20.14 0.00 3.91
C GLY C 56 -20.02 1.28 4.69
N LYS C 57 -20.09 2.39 3.96
CA LYS C 57 -20.07 3.72 4.54
C LYS C 57 -21.48 4.29 4.45
N ALA C 58 -22.01 4.73 5.59
CA ALA C 58 -23.37 5.28 5.64
C ALA C 58 -23.44 6.75 5.21
N ALA C 59 -22.86 7.00 4.04
CA ALA C 59 -23.07 8.21 3.27
C ALA C 59 -23.65 7.62 1.99
N GLU C 60 -24.51 8.36 1.30
CA GLU C 60 -25.27 7.77 0.21
C GLU C 60 -24.51 7.69 -1.12
N ARG C 61 -23.39 8.41 -1.22
CA ARG C 61 -22.42 8.19 -2.30
C ARG C 61 -21.76 6.86 -1.98
N ALA C 62 -21.29 6.12 -2.98
CA ALA C 62 -20.91 4.72 -2.74
C ALA C 62 -19.44 4.38 -2.49
N ASP C 63 -19.19 3.90 -1.27
CA ASP C 63 -17.99 3.18 -0.90
C ASP C 63 -18.51 1.94 -0.20
N TYR C 64 -18.43 0.79 -0.85
CA TYR C 64 -18.99 -0.42 -0.26
C TYR C 64 -18.19 -1.68 -0.55
N MET C 65 -18.31 -2.65 0.36
CA MET C 65 -17.82 -4.01 0.15
C MET C 65 -18.99 -4.93 0.47
N ALA C 66 -19.41 -5.72 -0.53
CA ALA C 66 -20.60 -6.54 -0.38
C ALA C 66 -20.45 -7.94 -0.94
N LEU C 67 -20.86 -8.93 -0.13
CA LEU C 67 -20.95 -10.31 -0.56
C LEU C 67 -22.42 -10.70 -0.59
N ALA C 68 -22.89 -11.12 -1.76
CA ALA C 68 -24.31 -11.43 -1.95
C ALA C 68 -24.54 -12.58 -2.91
N ILE C 69 -25.69 -13.22 -2.81
CA ILE C 69 -26.07 -14.33 -3.68
C ILE C 69 -26.88 -13.84 -4.86
N VAL C 70 -26.43 -14.19 -6.07
CA VAL C 70 -27.16 -13.91 -7.30
C VAL C 70 -27.37 -15.20 -8.07
N ASP C 71 -28.63 -15.63 -8.17
CA ASP C 71 -29.05 -16.82 -8.91
C ASP C 71 -28.35 -18.12 -8.45
N GLY C 72 -28.22 -18.28 -7.14
CA GLY C 72 -27.60 -19.48 -6.57
C GLY C 72 -26.09 -19.41 -6.48
N HIS C 73 -25.50 -18.41 -7.14
CA HIS C 73 -24.05 -18.22 -7.12
C HIS C 73 -23.68 -16.95 -6.40
N LEU C 74 -22.60 -17.01 -5.63
CA LEU C 74 -22.17 -15.86 -4.83
C LEU C 74 -21.45 -14.80 -5.63
N GLN C 75 -21.52 -13.56 -5.14
CA GLN C 75 -20.86 -12.41 -5.77
C GLN C 75 -20.17 -11.55 -4.72
N LEU C 76 -18.89 -11.23 -4.96
CA LEU C 76 -18.22 -10.20 -4.18
C LEU C 76 -18.08 -8.94 -5.02
N SER C 77 -18.63 -7.83 -4.51
CA SER C 77 -18.57 -6.55 -5.20
C SER C 77 -18.21 -5.42 -4.24
N TYR C 78 -17.36 -4.51 -4.70
CA TYR C 78 -16.97 -3.35 -3.90
C TYR C 78 -16.66 -2.10 -4.74
N ASP C 79 -17.13 -0.95 -4.24
CA ASP C 79 -16.93 0.34 -4.90
C ASP C 79 -15.99 1.17 -4.01
N LEU C 80 -14.85 1.57 -4.56
CA LEU C 80 -13.81 2.23 -3.76
C LEU C 80 -13.81 3.76 -3.87
N GLY C 81 -14.74 4.30 -4.64
CA GLY C 81 -14.73 5.72 -4.97
C GLY C 81 -14.69 5.85 -6.47
N SER C 82 -13.91 4.97 -7.09
CA SER C 82 -13.99 4.71 -8.53
C SER C 82 -15.09 3.68 -8.68
N GLN C 83 -15.37 3.25 -9.91
CA GLN C 83 -16.44 2.29 -10.17
C GLN C 83 -16.21 0.93 -9.46
N PRO C 84 -17.25 0.09 -9.37
CA PRO C 84 -17.15 -1.18 -8.65
C PRO C 84 -16.56 -2.34 -9.47
N VAL C 85 -16.16 -3.39 -8.77
CA VAL C 85 -15.76 -4.66 -9.39
C VAL C 85 -16.62 -5.78 -8.81
N VAL C 86 -17.03 -6.73 -9.66
CA VAL C 86 -17.88 -7.83 -9.24
C VAL C 86 -17.23 -9.19 -9.53
N LEU C 87 -17.13 -10.02 -8.50
CA LEU C 87 -16.50 -11.34 -8.61
C LEU C 87 -17.48 -12.46 -8.27
N ARG C 88 -17.87 -13.23 -9.27
CA ARG C 88 -18.85 -14.30 -9.09
C ARG C 88 -18.23 -15.65 -8.79
N SER C 89 -18.61 -16.23 -7.66
CA SER C 89 -18.24 -17.59 -7.31
C SER C 89 -19.05 -18.56 -8.17
N THR C 90 -18.35 -19.47 -8.85
CA THR C 90 -18.99 -20.45 -9.73
C THR C 90 -19.86 -21.46 -8.99
N VAL C 91 -19.46 -21.75 -7.74
CA VAL C 91 -20.15 -22.71 -6.89
C VAL C 91 -21.56 -22.22 -6.53
N LYS C 92 -22.51 -23.15 -6.56
CA LYS C 92 -23.89 -22.84 -6.20
C LYS C 92 -24.07 -22.88 -4.68
N VAL C 93 -24.76 -21.87 -4.15
CA VAL C 93 -24.93 -21.70 -2.71
C VAL C 93 -25.84 -22.75 -2.07
N ASN C 94 -26.84 -23.22 -2.82
CA ASN C 94 -27.89 -24.03 -2.23
C ASN C 94 -27.88 -25.53 -2.54
N THR C 95 -27.43 -26.29 -1.55
CA THR C 95 -27.65 -27.72 -1.46
C THR C 95 -28.11 -27.92 -0.02
N ASN C 96 -28.29 -26.78 0.65
CA ASN C 96 -28.49 -26.69 2.09
C ASN C 96 -27.36 -27.40 2.84
N ARG C 97 -26.15 -27.20 2.33
CA ARG C 97 -24.94 -27.76 2.93
C ARG C 97 -23.94 -26.64 3.16
N TRP C 98 -23.18 -26.76 4.25
CA TRP C 98 -22.22 -25.74 4.65
C TRP C 98 -21.11 -25.55 3.65
N LEU C 99 -20.75 -24.30 3.44
CA LEU C 99 -19.70 -23.93 2.49
C LEU C 99 -18.76 -22.92 3.12
N ARG C 100 -17.48 -23.04 2.80
CA ARG C 100 -16.46 -22.13 3.32
C ARG C 100 -16.23 -20.98 2.36
N ILE C 101 -16.24 -19.76 2.89
CA ILE C 101 -16.06 -18.56 2.09
C ILE C 101 -14.82 -17.79 2.52
N ARG C 102 -13.91 -17.59 1.57
CA ARG C 102 -12.74 -16.75 1.78
C ARG C 102 -12.84 -15.53 0.88
N ALA C 103 -13.21 -14.40 1.47
CA ALA C 103 -13.25 -13.13 0.76
C ALA C 103 -12.14 -12.24 1.29
N HIS C 104 -11.38 -11.66 0.35
CA HIS C 104 -10.25 -10.79 0.71
C HIS C 104 -10.06 -9.74 -0.34
N ARG C 105 -9.63 -8.56 0.08
CA ARG C 105 -9.18 -7.54 -0.86
C ARG C 105 -8.00 -6.75 -0.29
N GLU C 106 -7.01 -6.51 -1.14
CA GLU C 106 -5.90 -5.63 -0.84
C GLU C 106 -5.92 -4.51 -1.85
N HIS C 107 -6.24 -3.31 -1.38
CA HIS C 107 -6.52 -2.16 -2.26
C HIS C 107 -7.51 -2.56 -3.32
N ARG C 108 -7.15 -2.34 -4.58
CA ARG C 108 -8.02 -2.67 -5.70
C ARG C 108 -8.22 -4.18 -5.87
N GLU C 109 -7.13 -4.93 -5.73
CA GLU C 109 -7.14 -6.37 -5.91
C GLU C 109 -7.95 -7.07 -4.82
N GLY C 110 -8.86 -7.94 -5.25
CA GLY C 110 -9.68 -8.72 -4.32
C GLY C 110 -9.92 -10.13 -4.85
N SER C 111 -10.24 -11.05 -3.94
CA SER C 111 -10.46 -12.44 -4.31
C SER C 111 -11.64 -13.05 -3.57
N LEU C 112 -12.25 -14.07 -4.18
CA LEU C 112 -13.33 -14.82 -3.57
C LEU C 112 -13.20 -16.30 -3.87
N GLN C 113 -13.27 -17.12 -2.82
CA GLN C 113 -13.27 -18.57 -2.96
C GLN C 113 -14.36 -19.21 -2.11
N VAL C 114 -15.28 -19.89 -2.78
CA VAL C 114 -16.32 -20.65 -2.10
C VAL C 114 -16.06 -22.15 -2.29
N GLY C 115 -16.05 -22.88 -1.17
CA GLY C 115 -15.74 -24.30 -1.19
C GLY C 115 -14.32 -24.54 -1.63
N ASN C 116 -14.14 -25.50 -2.55
CA ASN C 116 -12.82 -25.83 -3.07
C ASN C 116 -12.52 -25.29 -4.48
N GLU C 117 -13.41 -24.42 -4.97
CA GLU C 117 -13.23 -23.81 -6.29
C GLU C 117 -11.91 -23.07 -6.38
N ALA C 118 -11.38 -22.96 -7.59
CA ALA C 118 -10.28 -22.05 -7.86
C ALA C 118 -10.77 -20.63 -7.58
N PRO C 119 -9.99 -19.84 -6.81
CA PRO C 119 -10.43 -18.50 -6.40
C PRO C 119 -10.60 -17.54 -7.57
N VAL C 120 -11.59 -16.66 -7.47
CA VAL C 120 -11.89 -15.68 -8.51
C VAL C 120 -11.26 -14.33 -8.18
N THR C 121 -10.26 -13.95 -8.97
CA THR C 121 -9.54 -12.69 -8.74
C THR C 121 -9.96 -11.59 -9.70
N GLY C 122 -9.47 -10.38 -9.42
CA GLY C 122 -9.78 -9.20 -10.21
C GLY C 122 -9.48 -7.96 -9.40
N SER C 123 -9.57 -6.80 -10.06
CA SER C 123 -9.29 -5.53 -9.39
C SER C 123 -10.35 -4.49 -9.73
N SER C 124 -10.72 -3.70 -8.72
CA SER C 124 -11.60 -2.55 -8.92
C SER C 124 -10.84 -1.54 -9.78
N PRO C 125 -11.57 -0.62 -10.46
CA PRO C 125 -10.93 0.39 -11.29
C PRO C 125 -9.85 1.19 -10.57
N LEU C 126 -8.88 1.68 -11.32
CA LEU C 126 -7.78 2.47 -10.77
C LEU C 126 -8.31 3.79 -10.21
N GLY C 127 -7.48 4.50 -9.46
CA GLY C 127 -7.91 5.67 -8.73
C GLY C 127 -7.95 5.28 -7.27
N ALA C 128 -9.13 5.39 -6.67
CA ALA C 128 -9.30 5.09 -5.25
C ALA C 128 -8.98 3.63 -4.91
N THR C 129 -8.11 3.46 -3.91
CA THR C 129 -7.66 2.14 -3.46
C THR C 129 -8.12 1.84 -2.04
N GLN C 130 -8.92 2.73 -1.47
CA GLN C 130 -9.36 2.62 -0.08
C GLN C 130 -10.89 2.60 0.05
N LEU C 131 -11.37 2.07 1.17
CA LEU C 131 -12.80 1.96 1.43
C LEU C 131 -13.23 2.86 2.59
N ASP C 132 -13.99 3.91 2.28
CA ASP C 132 -14.56 4.78 3.29
C ASP C 132 -15.44 3.97 4.23
N THR C 133 -15.28 4.16 5.54
CA THR C 133 -15.99 3.35 6.52
C THR C 133 -16.48 4.11 7.75
N ASP C 134 -17.61 3.65 8.27
CA ASP C 134 -18.24 4.25 9.43
C ASP C 134 -18.45 3.21 10.54
N GLY C 135 -17.44 2.33 10.70
CA GLY C 135 -17.42 1.33 11.76
C GLY C 135 -18.57 0.34 11.78
N ALA C 136 -19.14 0.08 10.60
CA ALA C 136 -20.31 -0.78 10.50
C ALA C 136 -20.06 -2.05 9.71
N LEU C 137 -20.37 -3.18 10.34
CA LEU C 137 -20.29 -4.48 9.70
C LEU C 137 -21.66 -5.16 9.83
N TRP C 138 -22.34 -5.32 8.70
CA TRP C 138 -23.70 -5.83 8.68
C TRP C 138 -23.79 -7.24 8.16
N LEU C 139 -24.71 -8.01 8.73
CA LEU C 139 -24.85 -9.42 8.38
C LEU C 139 -26.32 -9.84 8.24
N GLY C 140 -26.56 -10.79 7.33
CA GLY C 140 -27.91 -11.27 7.03
C GLY C 140 -28.65 -10.40 6.04
N GLY C 141 -27.89 -9.60 5.29
CA GLY C 141 -28.47 -8.60 4.40
C GLY C 141 -28.59 -7.28 5.14
N LEU C 142 -29.37 -6.34 4.58
CA LEU C 142 -29.58 -5.04 5.22
C LEU C 142 -31.03 -4.75 5.59
N GLN C 143 -31.22 -3.85 6.56
CA GLN C 143 -32.54 -3.46 7.07
C GLN C 143 -33.49 -2.95 5.99
N LYS C 144 -33.13 -3.17 4.73
CA LYS C 144 -33.67 -2.40 3.62
C LYS C 144 -33.18 -0.96 3.79
N LEU C 145 -31.89 -0.83 4.05
CA LEU C 145 -31.20 0.45 3.95
C LEU C 145 -30.16 0.44 2.83
N PRO C 146 -30.61 0.14 1.58
CA PRO C 146 -29.74 0.33 0.43
C PRO C 146 -29.44 1.82 0.27
N VAL C 147 -28.31 2.14 -0.35
CA VAL C 147 -27.77 3.49 -0.28
C VAL C 147 -28.06 4.40 -1.49
N GLY C 148 -29.14 4.10 -2.22
CA GLY C 148 -29.46 4.85 -3.43
C GLY C 148 -28.46 4.56 -4.53
N GLN C 149 -28.04 3.30 -4.60
CA GLN C 149 -27.14 2.83 -5.65
C GLN C 149 -27.91 1.87 -6.53
N ALA C 150 -27.50 1.75 -7.80
CA ALA C 150 -28.19 0.89 -8.75
C ALA C 150 -27.67 -0.55 -8.68
N LEU C 151 -27.77 -1.13 -7.49
CA LEU C 151 -27.30 -2.49 -7.25
C LEU C 151 -28.30 -3.53 -7.77
N PRO C 152 -27.84 -4.78 -7.92
CA PRO C 152 -28.77 -5.86 -8.27
C PRO C 152 -29.91 -5.95 -7.25
N LYS C 153 -31.12 -6.20 -7.73
CA LYS C 153 -32.32 -6.24 -6.90
C LYS C 153 -32.24 -7.27 -5.77
N ALA C 154 -31.29 -8.19 -5.89
CA ALA C 154 -31.04 -9.22 -4.87
C ALA C 154 -30.45 -8.62 -3.59
N TYR C 155 -29.74 -7.51 -3.72
CA TYR C 155 -29.10 -6.83 -2.59
C TYR C 155 -30.10 -6.17 -1.65
N GLY C 156 -31.36 -6.07 -2.10
CA GLY C 156 -32.42 -5.51 -1.29
C GLY C 156 -33.18 -6.57 -0.49
N THR C 157 -32.80 -7.84 -0.70
CA THR C 157 -33.48 -8.97 -0.09
C THR C 157 -32.70 -9.51 1.11
N GLY C 158 -33.41 -9.68 2.23
CA GLY C 158 -32.82 -10.26 3.42
C GLY C 158 -32.41 -11.71 3.20
N PHE C 159 -31.39 -12.14 3.95
CA PHE C 159 -30.81 -13.47 3.75
C PHE C 159 -31.46 -14.56 4.60
N VAL C 160 -31.73 -15.69 3.97
CA VAL C 160 -32.35 -16.83 4.64
C VAL C 160 -31.37 -18.01 4.69
N GLY C 161 -30.93 -18.36 5.90
CA GLY C 161 -30.00 -19.46 6.09
C GLY C 161 -29.16 -19.32 7.35
N CYS C 162 -28.11 -20.14 7.45
CA CYS C 162 -27.29 -20.22 8.65
C CYS C 162 -25.83 -19.87 8.42
N LEU C 163 -25.22 -19.30 9.46
CA LEU C 163 -23.81 -18.91 9.43
C LEU C 163 -23.06 -19.41 10.66
N ARG C 164 -21.74 -19.53 10.53
CA ARG C 164 -20.87 -19.91 11.66
C ARG C 164 -19.41 -19.58 11.34
N ASP C 165 -18.54 -19.80 12.34
CA ASP C 165 -17.09 -19.56 12.20
C ASP C 165 -16.79 -18.25 11.49
N VAL C 166 -17.09 -17.15 12.16
CA VAL C 166 -16.95 -15.83 11.58
C VAL C 166 -15.55 -15.27 11.86
N VAL C 167 -14.83 -14.93 10.81
CA VAL C 167 -13.49 -14.35 10.93
C VAL C 167 -13.39 -13.05 10.15
N VAL C 168 -13.23 -11.94 10.87
CA VAL C 168 -13.06 -10.61 10.29
C VAL C 168 -11.61 -10.21 10.48
N GLY C 169 -10.86 -10.17 9.39
CA GLY C 169 -9.41 -10.00 9.46
C GLY C 169 -8.79 -11.27 10.01
N HIS C 170 -8.03 -11.13 11.10
CA HIS C 170 -7.45 -12.28 11.79
C HIS C 170 -8.14 -12.57 13.10
N ARG C 171 -9.16 -11.77 13.43
CA ARG C 171 -9.91 -11.95 14.67
C ARG C 171 -11.12 -12.87 14.48
N GLN C 172 -11.28 -13.81 15.41
CA GLN C 172 -12.46 -14.67 15.46
C GLN C 172 -13.62 -13.88 16.09
N LEU C 173 -14.70 -13.74 15.33
CA LEU C 173 -15.86 -12.94 15.76
C LEU C 173 -16.79 -13.74 16.67
N HIS C 174 -17.19 -13.12 17.78
CA HIS C 174 -18.22 -13.66 18.66
C HIS C 174 -19.57 -13.21 18.20
N LEU C 175 -20.33 -14.15 17.64
CA LEU C 175 -21.59 -13.87 16.95
C LEU C 175 -22.60 -13.11 17.81
N LEU C 176 -22.76 -13.56 19.06
CA LEU C 176 -23.73 -12.94 19.96
C LEU C 176 -23.20 -11.68 20.65
N GLU C 177 -22.03 -11.80 21.26
CA GLU C 177 -21.48 -10.74 22.12
C GLU C 177 -21.04 -9.47 21.39
N ASP C 178 -20.62 -9.61 20.14
CA ASP C 178 -20.13 -8.47 19.36
C ASP C 178 -21.24 -7.62 18.74
N ALA C 179 -22.41 -8.21 18.58
CA ALA C 179 -23.54 -7.53 17.94
C ALA C 179 -23.95 -6.27 18.71
N VAL C 180 -23.89 -5.14 18.03
CA VAL C 180 -24.40 -3.88 18.57
C VAL C 180 -25.92 -3.88 18.44
N THR C 181 -26.39 -4.37 17.30
CA THR C 181 -27.81 -4.55 17.06
C THR C 181 -28.17 -6.01 17.31
N LYS C 182 -29.06 -6.23 18.28
CA LYS C 182 -29.50 -7.57 18.64
C LYS C 182 -31.02 -7.67 18.50
N PRO C 183 -31.52 -7.79 17.25
CA PRO C 183 -32.96 -7.87 16.99
C PRO C 183 -33.58 -9.09 17.66
N GLU C 184 -33.05 -10.26 17.33
CA GLU C 184 -33.35 -11.55 17.97
C GLU C 184 -32.26 -12.50 17.52
N LEU C 185 -31.89 -13.46 18.37
CA LEU C 185 -30.79 -14.36 18.01
C LEU C 185 -31.12 -15.83 18.19
N ARG C 186 -30.78 -16.63 17.18
CA ARG C 186 -31.09 -18.06 17.17
C ARG C 186 -29.91 -18.88 16.64
N PRO C 187 -29.62 -20.02 17.28
CA PRO C 187 -28.65 -20.97 16.75
C PRO C 187 -29.22 -21.58 15.48
N CYS C 188 -28.38 -21.94 14.52
CA CYS C 188 -28.89 -22.52 13.28
C CYS C 188 -29.75 -23.75 13.56
N PRO C 189 -30.94 -23.81 12.96
CA PRO C 189 -31.80 -24.99 13.07
C PRO C 189 -31.13 -26.22 12.48
N THR C 190 -31.62 -27.41 12.85
CA THR C 190 -31.06 -28.65 12.33
C THR C 190 -31.95 -29.26 11.23
N PRO C 191 -31.80 -28.76 9.99
CA PRO C 191 -32.39 -29.42 8.82
C PRO C 191 -31.56 -30.61 8.36
N TYR D 9 -2.02 -25.75 -48.06
CA TYR D 9 -3.16 -25.56 -49.00
C TYR D 9 -2.74 -24.66 -50.15
N CYS D 10 -1.65 -25.04 -50.82
CA CYS D 10 -1.00 -24.20 -51.82
C CYS D 10 -0.47 -22.93 -51.14
N SER D 11 -0.23 -23.07 -49.83
CA SER D 11 0.24 -21.98 -48.97
C SER D 11 -0.64 -20.74 -49.04
N GLN D 12 -0.07 -19.65 -49.55
CA GLN D 12 -0.72 -18.34 -49.55
C GLN D 12 -2.01 -18.29 -50.36
N GLY D 13 -1.92 -18.66 -51.65
CA GLY D 13 -3.10 -18.62 -52.51
C GLY D 13 -2.94 -19.28 -53.87
N CYS D 14 -4.06 -19.76 -54.40
CA CYS D 14 -4.12 -20.34 -55.74
C CYS D 14 -5.38 -19.88 -56.46
N THR D 15 -5.20 -19.15 -57.56
CA THR D 15 -6.32 -18.62 -58.33
C THR D 15 -6.53 -19.42 -59.62
N PHE D 21 -5.01 -25.43 -62.03
CA PHE D 21 -4.76 -24.25 -61.21
C PHE D 21 -3.28 -24.02 -60.97
N GLN D 22 -2.95 -22.83 -60.49
CA GLN D 22 -1.57 -22.47 -60.18
C GLN D 22 -1.47 -21.86 -58.78
N CYS D 23 -0.28 -21.94 -58.19
CA CYS D 23 -0.04 -21.36 -56.87
C CYS D 23 0.56 -19.97 -56.98
N TRP D 24 0.06 -19.06 -56.16
CA TRP D 24 0.47 -17.66 -56.23
C TRP D 24 1.19 -17.22 -54.97
N CYS D 25 2.41 -16.72 -55.16
CA CYS D 25 3.22 -16.16 -54.06
C CYS D 25 3.10 -14.64 -54.05
N GLU D 26 3.53 -14.03 -52.94
CA GLU D 26 3.56 -12.58 -52.82
C GLU D 26 4.99 -12.08 -52.66
N ALA D 27 5.18 -10.78 -52.79
CA ALA D 27 6.50 -10.15 -52.70
C ALA D 27 7.18 -10.44 -51.37
N GLY D 28 8.49 -10.65 -51.42
CA GLY D 28 9.26 -11.08 -50.26
C GLY D 28 9.20 -12.59 -50.09
N TYR D 29 8.50 -13.24 -51.02
CA TYR D 29 8.35 -14.69 -51.01
C TYR D 29 8.56 -15.26 -52.41
N GLU D 30 9.24 -16.40 -52.48
CA GLU D 30 9.46 -17.09 -53.74
C GLU D 30 8.84 -18.48 -53.70
N LEU D 31 8.14 -18.84 -54.76
CA LEU D 31 7.55 -20.18 -54.88
C LEU D 31 8.62 -21.25 -54.85
N ARG D 32 8.42 -22.24 -53.98
CA ARG D 32 9.34 -23.36 -53.86
C ARG D 32 8.95 -24.47 -54.84
N PRO D 33 9.91 -25.33 -55.22
CA PRO D 33 9.71 -26.37 -56.25
C PRO D 33 8.49 -27.27 -56.01
N ASP D 34 8.08 -27.42 -54.75
CA ASP D 34 6.85 -28.13 -54.41
C ASP D 34 5.64 -27.38 -54.95
N ARG D 35 5.89 -26.14 -55.41
CA ARG D 35 4.91 -25.29 -56.11
C ARG D 35 3.84 -24.70 -55.20
N ARG D 36 3.84 -25.11 -53.93
CA ARG D 36 2.88 -24.63 -52.96
C ARG D 36 3.52 -23.63 -52.02
N SER D 37 4.66 -24.02 -51.46
CA SER D 37 5.34 -23.24 -50.42
C SER D 37 5.98 -21.96 -50.91
N CYS D 38 5.79 -20.90 -50.13
CA CYS D 38 6.47 -19.64 -50.36
C CYS D 38 7.56 -19.47 -49.32
N LYS D 39 8.82 -19.59 -49.75
CA LYS D 39 9.96 -19.34 -48.88
C LYS D 39 10.21 -17.84 -48.84
N ALA D 40 10.56 -17.33 -47.67
CA ALA D 40 10.76 -15.90 -47.48
C ALA D 40 12.09 -15.40 -48.04
N LEU D 41 12.01 -14.33 -48.82
CA LEU D 41 13.20 -13.65 -49.35
C LEU D 41 13.95 -12.94 -48.24
N GLY D 42 15.27 -12.82 -48.43
CA GLY D 42 16.11 -12.13 -47.46
C GLY D 42 16.83 -13.07 -46.51
N PRO D 43 17.15 -12.58 -45.30
CA PRO D 43 17.93 -13.33 -44.31
C PRO D 43 17.21 -14.55 -43.76
N GLU D 44 17.87 -15.27 -42.86
CA GLU D 44 17.26 -16.43 -42.20
C GLU D 44 16.35 -16.00 -41.05
N PRO D 45 15.20 -16.69 -40.90
CA PRO D 45 14.28 -16.42 -39.79
C PRO D 45 14.89 -16.75 -38.44
N VAL D 46 14.64 -15.90 -37.46
CA VAL D 46 15.17 -16.07 -36.11
C VAL D 46 14.04 -15.99 -35.09
N LEU D 47 13.96 -16.98 -34.19
CA LEU D 47 12.96 -16.95 -33.13
C LEU D 47 13.45 -16.14 -31.94
N LEU D 48 12.78 -15.02 -31.71
CA LEU D 48 13.12 -14.12 -30.60
C LEU D 48 12.15 -14.34 -29.46
N PHE D 49 12.68 -14.64 -28.27
CA PHE D 49 11.83 -14.91 -27.11
C PHE D 49 12.46 -14.42 -25.81
N ALA D 50 11.60 -14.18 -24.82
CA ALA D 50 12.04 -13.76 -23.49
C ALA D 50 12.02 -14.95 -22.52
N ASN D 51 13.18 -15.23 -21.93
CA ASN D 51 13.33 -16.31 -20.96
C ASN D 51 13.09 -15.83 -19.53
N ARG D 52 12.46 -14.65 -19.41
CA ARG D 52 12.22 -14.02 -18.11
C ARG D 52 13.52 -13.43 -17.56
N ILE D 53 14.55 -14.26 -17.48
CA ILE D 53 15.87 -13.82 -17.06
C ILE D 53 16.72 -13.42 -18.27
N ASP D 54 16.28 -13.83 -19.46
CA ASP D 54 17.03 -13.56 -20.69
C ASP D 54 16.12 -13.24 -21.88
N ILE D 55 16.74 -12.76 -22.95
CA ILE D 55 16.08 -12.60 -24.24
C ILE D 55 16.98 -13.24 -25.28
N ARG D 56 16.55 -14.37 -25.82
CA ARG D 56 17.41 -15.18 -26.67
C ARG D 56 16.88 -15.30 -28.10
N GLN D 57 17.81 -15.30 -29.04
CA GLN D 57 17.49 -15.54 -30.44
C GLN D 57 17.81 -16.99 -30.75
N VAL D 58 16.81 -17.74 -31.22
CA VAL D 58 17.02 -19.13 -31.59
C VAL D 58 16.66 -19.42 -33.05
N LEU D 59 17.59 -20.03 -33.79
CA LEU D 59 17.31 -20.51 -35.14
C LEU D 59 16.54 -21.82 -35.01
N PRO D 60 15.34 -21.88 -35.63
CA PRO D 60 14.35 -22.95 -35.39
C PRO D 60 14.72 -24.36 -35.88
N HIS D 61 15.14 -24.51 -37.12
CA HIS D 61 15.41 -25.84 -37.68
C HIS D 61 16.88 -26.14 -37.83
N ARG D 62 17.57 -25.87 -36.74
CA ARG D 62 18.98 -26.13 -36.52
C ARG D 62 19.05 -25.91 -35.02
N SER D 63 20.14 -26.28 -34.36
CA SER D 63 20.24 -26.02 -32.92
C SER D 63 21.07 -24.77 -32.65
N GLU D 64 20.45 -23.76 -32.04
CA GLU D 64 21.14 -22.49 -31.78
C GLU D 64 20.74 -21.86 -30.45
N TYR D 65 21.70 -21.14 -29.86
CA TYR D 65 21.47 -20.29 -28.70
C TYR D 65 22.18 -18.96 -28.91
N THR D 66 21.43 -17.87 -28.92
CA THR D 66 22.03 -16.54 -29.01
C THR D 66 21.58 -15.69 -27.83
N LEU D 67 22.50 -15.47 -26.90
CA LEU D 67 22.23 -14.64 -25.73
C LEU D 67 22.22 -13.17 -26.11
N LEU D 68 21.03 -12.57 -26.08
CA LEU D 68 20.89 -11.15 -26.40
C LEU D 68 21.11 -10.28 -25.19
N LEU D 69 20.14 -10.26 -24.29
CA LEU D 69 20.26 -9.50 -23.05
C LEU D 69 20.52 -10.43 -21.88
N ASN D 70 21.61 -10.17 -21.17
CA ASN D 70 22.19 -11.12 -20.22
C ASN D 70 21.61 -11.11 -18.81
N ASN D 71 21.40 -9.93 -18.24
CA ASN D 71 20.94 -9.82 -16.86
C ASN D 71 19.59 -9.12 -16.71
N LEU D 72 18.58 -9.91 -16.33
CA LEU D 72 17.21 -9.39 -16.20
C LEU D 72 16.48 -9.99 -15.00
N GLU D 73 15.53 -9.22 -14.46
CA GLU D 73 14.76 -9.66 -13.30
C GLU D 73 13.55 -10.48 -13.73
N ASN D 74 12.77 -9.96 -14.69
CA ASN D 74 11.57 -10.65 -15.17
C ASN D 74 11.06 -10.12 -16.51
N ALA D 75 11.61 -10.63 -17.61
CA ALA D 75 11.19 -10.23 -18.95
C ALA D 75 10.06 -11.12 -19.47
N ILE D 76 8.99 -10.49 -19.97
CA ILE D 76 7.83 -11.23 -20.47
C ILE D 76 7.52 -10.82 -21.91
N ALA D 77 6.76 -9.73 -22.06
CA ALA D 77 6.37 -9.23 -23.37
C ALA D 77 7.57 -8.57 -24.06
N LEU D 78 7.69 -8.79 -25.35
CA LEU D 78 8.75 -8.19 -26.16
C LEU D 78 8.30 -8.01 -27.60
N ASP D 79 8.98 -7.13 -28.33
CA ASP D 79 8.80 -6.97 -29.78
C ASP D 79 10.00 -6.23 -30.37
N PHE D 80 9.99 -6.06 -31.69
CA PHE D 80 11.13 -5.48 -32.39
C PHE D 80 10.72 -4.48 -33.47
N HIS D 81 11.62 -3.55 -33.77
CA HIS D 81 11.52 -2.69 -34.94
C HIS D 81 12.65 -3.12 -35.85
N HIS D 82 12.32 -3.84 -36.91
CA HIS D 82 13.33 -4.45 -37.78
C HIS D 82 14.19 -3.44 -38.47
N ARG D 83 13.58 -2.60 -39.29
CA ARG D 83 14.20 -1.36 -39.72
C ARG D 83 14.39 -0.58 -38.42
N ARG D 84 15.52 0.11 -38.28
CA ARG D 84 15.84 0.83 -37.04
C ARG D 84 16.41 -0.10 -35.95
N GLU D 85 16.35 -1.41 -36.22
CA GLU D 85 17.01 -2.44 -35.40
C GLU D 85 16.88 -2.24 -33.89
N LEU D 86 15.66 -2.39 -33.37
CA LEU D 86 15.42 -2.22 -31.94
C LEU D 86 14.69 -3.41 -31.30
N VAL D 87 14.98 -3.62 -30.01
CA VAL D 87 14.30 -4.65 -29.23
C VAL D 87 13.64 -4.03 -28.01
N PHE D 88 12.31 -4.16 -27.94
CA PHE D 88 11.54 -3.69 -26.80
C PHE D 88 11.12 -4.88 -25.97
N TRP D 89 11.04 -4.71 -24.65
CA TRP D 89 10.52 -5.75 -23.76
C TRP D 89 10.00 -5.20 -22.46
N SER D 90 9.09 -5.94 -21.84
CA SER D 90 8.52 -5.53 -20.56
C SER D 90 9.12 -6.32 -19.40
N ASP D 91 9.24 -5.66 -18.26
CA ASP D 91 9.67 -6.31 -17.02
C ASP D 91 8.59 -6.11 -15.98
N VAL D 92 7.99 -7.20 -15.50
CA VAL D 92 6.83 -7.13 -14.62
C VAL D 92 7.16 -7.11 -13.12
N THR D 93 8.40 -7.45 -12.77
CA THR D 93 8.86 -7.26 -11.38
C THR D 93 9.33 -5.83 -11.19
N LEU D 94 10.17 -5.36 -12.12
CA LEU D 94 10.66 -3.99 -12.09
C LEU D 94 9.56 -2.99 -12.44
N ASP D 95 8.56 -3.46 -13.19
CA ASP D 95 7.43 -2.64 -13.64
C ASP D 95 7.89 -1.52 -14.56
N ARG D 96 8.82 -1.84 -15.45
CA ARG D 96 9.37 -0.89 -16.41
C ARG D 96 9.34 -1.49 -17.81
N ILE D 97 9.38 -0.63 -18.83
CA ILE D 97 9.50 -1.08 -20.21
C ILE D 97 10.80 -0.55 -20.80
N LEU D 98 11.52 -1.42 -21.51
CA LEU D 98 12.86 -1.10 -21.97
C LEU D 98 13.05 -1.29 -23.46
N ARG D 99 14.18 -0.79 -23.97
CA ARG D 99 14.56 -0.96 -25.36
C ARG D 99 16.07 -1.01 -25.50
N ALA D 100 16.53 -1.58 -26.62
CA ALA D 100 17.96 -1.66 -26.93
C ALA D 100 18.11 -1.92 -28.43
N ASN D 101 19.30 -1.66 -28.96
CA ASN D 101 19.61 -2.09 -30.33
C ASN D 101 19.49 -3.60 -30.41
N LEU D 102 19.13 -4.12 -31.58
CA LEU D 102 18.91 -5.56 -31.76
C LEU D 102 20.12 -6.42 -31.38
N ASN D 103 21.31 -5.85 -31.47
CA ASN D 103 22.54 -6.54 -31.08
C ASN D 103 22.63 -6.74 -29.56
N GLY D 104 21.75 -6.06 -28.82
CA GLY D 104 21.70 -6.16 -27.38
C GLY D 104 22.52 -5.10 -26.67
N SER D 105 22.76 -3.99 -27.36
CA SER D 105 23.59 -2.91 -26.84
C SER D 105 22.76 -1.77 -26.26
N ASN D 106 23.33 -1.08 -25.27
CA ASN D 106 22.74 0.10 -24.61
C ASN D 106 21.27 -0.01 -24.18
N VAL D 107 21.03 -0.71 -23.08
CA VAL D 107 19.69 -0.80 -22.49
C VAL D 107 19.16 0.60 -22.13
N GLU D 108 17.89 0.84 -22.45
CA GLU D 108 17.28 2.15 -22.20
C GLU D 108 15.85 2.03 -21.66
N GLU D 109 15.58 2.76 -20.58
CA GLU D 109 14.23 2.85 -20.01
C GLU D 109 13.29 3.64 -20.92
N VAL D 110 12.11 3.09 -21.16
CA VAL D 110 11.10 3.74 -21.99
C VAL D 110 9.92 4.21 -21.12
N VAL D 111 9.27 3.25 -20.46
CA VAL D 111 8.13 3.52 -19.59
C VAL D 111 8.48 3.15 -18.15
N SER D 112 8.65 4.16 -17.30
CA SER D 112 9.11 3.97 -15.93
C SER D 112 8.00 4.01 -14.88
N THR D 113 6.79 4.40 -15.31
CA THR D 113 5.72 4.70 -14.36
C THR D 113 4.35 4.15 -14.77
N GLY D 114 3.48 4.01 -13.77
CA GLY D 114 2.08 3.62 -13.98
C GLY D 114 1.85 2.18 -14.40
N LEU D 115 2.84 1.33 -14.16
CA LEU D 115 2.78 -0.07 -14.55
C LEU D 115 2.62 -0.99 -13.34
N GLU D 116 1.90 -2.09 -13.53
CA GLU D 116 1.69 -3.08 -12.49
C GLU D 116 1.99 -4.48 -13.03
N SER D 117 1.20 -4.89 -14.03
CA SER D 117 1.43 -6.17 -14.70
C SER D 117 1.41 -6.02 -16.23
N PRO D 118 2.49 -5.46 -16.80
CA PRO D 118 2.59 -5.28 -18.25
C PRO D 118 2.83 -6.60 -18.98
N GLY D 119 1.75 -7.26 -19.37
CA GLY D 119 1.82 -8.58 -19.98
C GLY D 119 1.95 -8.61 -21.49
N GLY D 120 1.64 -7.49 -22.14
CA GLY D 120 1.68 -7.41 -23.60
C GLY D 120 2.50 -6.25 -24.13
N LEU D 121 3.04 -6.43 -25.33
CA LEU D 121 3.84 -5.41 -26.01
C LEU D 121 3.76 -5.58 -27.52
N ALA D 122 3.57 -4.45 -28.21
CA ALA D 122 3.48 -4.45 -29.68
C ALA D 122 4.07 -3.19 -30.28
N VAL D 123 4.84 -3.38 -31.35
CA VAL D 123 5.51 -2.26 -32.04
C VAL D 123 4.91 -2.05 -33.42
N ASP D 124 4.52 -0.81 -33.70
CA ASP D 124 4.08 -0.43 -35.04
C ASP D 124 5.30 0.09 -35.81
N TRP D 125 5.83 -0.75 -36.69
CA TRP D 125 7.03 -0.40 -37.46
C TRP D 125 6.76 0.63 -38.52
N VAL D 126 5.49 0.79 -38.90
CA VAL D 126 5.10 1.78 -39.90
C VAL D 126 5.05 3.19 -39.29
N HIS D 127 4.30 3.33 -38.20
CA HIS D 127 4.03 4.63 -37.58
C HIS D 127 4.94 4.95 -36.43
N ASP D 128 5.85 4.02 -36.13
CA ASP D 128 6.81 4.18 -35.03
C ASP D 128 6.12 4.48 -33.70
N LYS D 129 5.23 3.58 -33.30
CA LYS D 129 4.53 3.69 -32.02
C LYS D 129 4.52 2.38 -31.26
N LEU D 130 4.33 2.48 -29.95
CA LEU D 130 4.40 1.32 -29.07
C LEU D 130 3.08 1.13 -28.32
N TYR D 131 2.52 -0.08 -28.40
CA TYR D 131 1.29 -0.42 -27.71
C TYR D 131 1.55 -1.52 -26.71
N TRP D 132 1.02 -1.36 -25.49
CA TRP D 132 1.18 -2.38 -24.46
C TRP D 132 -0.03 -2.51 -23.59
N THR D 133 -0.20 -3.69 -23.01
CA THR D 133 -1.33 -3.98 -22.13
C THR D 133 -0.84 -4.23 -20.71
N ASP D 134 -1.62 -3.76 -19.74
CA ASP D 134 -1.35 -4.05 -18.35
C ASP D 134 -2.56 -4.71 -17.72
N SER D 135 -2.41 -5.96 -17.31
CA SER D 135 -3.51 -6.72 -16.69
C SER D 135 -3.81 -6.21 -15.28
N GLY D 136 -2.82 -5.60 -14.64
CA GLY D 136 -3.01 -4.97 -13.33
C GLY D 136 -3.77 -3.66 -13.45
N THR D 137 -3.33 -2.82 -14.37
CA THR D 137 -3.97 -1.52 -14.61
C THR D 137 -5.25 -1.68 -15.42
N SER D 138 -5.41 -2.86 -16.03
CA SER D 138 -6.53 -3.14 -16.93
C SER D 138 -6.67 -2.04 -17.99
N ARG D 139 -5.54 -1.67 -18.59
CA ARG D 139 -5.50 -0.62 -19.60
C ARG D 139 -4.67 -1.00 -20.81
N ILE D 140 -4.93 -0.34 -21.93
CA ILE D 140 -4.06 -0.41 -23.10
C ILE D 140 -3.53 0.99 -23.38
N GLU D 141 -2.21 1.10 -23.52
CA GLU D 141 -1.58 2.39 -23.70
C GLU D 141 -0.70 2.44 -24.94
N VAL D 142 -0.40 3.66 -25.38
CA VAL D 142 0.44 3.89 -26.56
C VAL D 142 1.39 5.06 -26.32
N ALA D 143 2.56 5.00 -26.96
CA ALA D 143 3.54 6.08 -26.90
C ALA D 143 4.50 5.99 -28.08
N ASN D 144 5.38 6.98 -28.21
CA ASN D 144 6.45 6.93 -29.20
C ASN D 144 7.51 5.93 -28.79
N LEU D 145 8.32 5.50 -29.77
CA LEU D 145 9.35 4.49 -29.53
C LEU D 145 10.36 4.89 -28.45
N ASP D 146 10.53 6.20 -28.28
CA ASP D 146 11.40 6.73 -27.22
C ASP D 146 10.68 6.81 -25.88
N GLY D 147 9.35 6.74 -25.93
CA GLY D 147 8.52 6.83 -24.72
C GLY D 147 7.70 8.11 -24.64
N ALA D 148 7.96 9.02 -25.57
CA ALA D 148 7.28 10.32 -25.61
C ALA D 148 5.81 10.20 -25.98
N HIS D 149 5.02 11.17 -25.52
CA HIS D 149 3.60 11.31 -25.89
C HIS D 149 2.77 10.10 -25.51
N ARG D 150 2.96 9.65 -24.27
CA ARG D 150 2.20 8.52 -23.73
C ARG D 150 0.74 8.88 -23.52
N LYS D 151 -0.15 7.98 -23.93
CA LYS D 151 -1.59 8.16 -23.80
C LYS D 151 -2.26 6.84 -23.42
N VAL D 152 -3.38 6.92 -22.70
CA VAL D 152 -4.22 5.76 -22.44
C VAL D 152 -5.22 5.60 -23.59
N LEU D 153 -5.08 4.52 -24.34
CA LEU D 153 -5.94 4.27 -25.49
C LEU D 153 -7.27 3.65 -25.07
N LEU D 154 -7.20 2.64 -24.20
CA LEU D 154 -8.40 1.93 -23.75
C LEU D 154 -8.33 1.59 -22.26
N TRP D 155 -9.46 1.75 -21.57
CA TRP D 155 -9.53 1.47 -20.14
C TRP D 155 -10.79 0.74 -19.72
N GLN D 156 -11.95 1.30 -20.08
CA GLN D 156 -13.24 0.76 -19.65
C GLN D 156 -13.51 -0.64 -20.21
N SER D 157 -14.10 -1.48 -19.38
CA SER D 157 -14.42 -2.87 -19.71
C SER D 157 -13.20 -3.72 -20.04
N LEU D 158 -12.09 -3.45 -19.37
CA LEU D 158 -10.89 -4.27 -19.48
C LEU D 158 -10.59 -4.94 -18.15
N GLU D 159 -10.18 -6.21 -18.20
CA GLU D 159 -9.95 -6.98 -16.99
C GLU D 159 -8.49 -7.42 -16.93
N LYS D 160 -8.16 -8.45 -17.70
CA LYS D 160 -6.80 -8.95 -17.79
C LYS D 160 -6.34 -8.97 -19.24
N PRO D 161 -6.12 -7.78 -19.84
CA PRO D 161 -5.56 -7.76 -21.18
C PRO D 161 -4.14 -8.32 -21.14
N ARG D 162 -3.86 -9.29 -22.01
CA ARG D 162 -2.55 -9.94 -22.02
C ARG D 162 -1.84 -9.77 -23.36
N ALA D 163 -2.22 -10.58 -24.34
CA ALA D 163 -1.58 -10.56 -25.65
C ALA D 163 -2.05 -9.38 -26.47
N ILE D 164 -1.14 -8.81 -27.26
CA ILE D 164 -1.48 -7.73 -28.19
C ILE D 164 -0.70 -7.86 -29.50
N ALA D 165 -1.41 -7.66 -30.60
CA ALA D 165 -0.83 -7.69 -31.93
C ALA D 165 -1.43 -6.57 -32.78
N LEU D 166 -0.67 -6.12 -33.77
CA LEU D 166 -1.08 -4.98 -34.59
C LEU D 166 -1.14 -5.30 -36.08
N HIS D 167 -1.91 -4.48 -36.78
CA HIS D 167 -1.98 -4.51 -38.24
C HIS D 167 -1.81 -3.09 -38.71
N PRO D 168 -0.57 -2.58 -38.74
CA PRO D 168 -0.28 -1.19 -39.08
C PRO D 168 -0.84 -0.75 -40.44
N MET D 169 -0.84 -1.67 -41.40
CA MET D 169 -1.42 -1.42 -42.73
C MET D 169 -2.92 -1.12 -42.64
N GLU D 170 -3.64 -1.89 -41.85
CA GLU D 170 -5.09 -1.69 -41.69
C GLU D 170 -5.44 -0.75 -40.54
N GLY D 171 -4.42 -0.36 -39.76
CA GLY D 171 -4.60 0.51 -38.60
C GLY D 171 -5.50 -0.11 -37.55
N THR D 172 -5.37 -1.43 -37.38
CA THR D 172 -6.22 -2.19 -36.46
C THR D 172 -5.38 -2.82 -35.35
N ILE D 173 -5.98 -2.94 -34.17
CA ILE D 173 -5.34 -3.56 -33.02
C ILE D 173 -6.16 -4.74 -32.51
N TYR D 174 -5.48 -5.84 -32.23
CA TYR D 174 -6.11 -7.02 -31.65
C TYR D 174 -5.49 -7.30 -30.29
N TRP D 175 -6.30 -7.72 -29.34
CA TRP D 175 -5.80 -8.16 -28.04
C TRP D 175 -6.67 -9.21 -27.40
N THR D 176 -6.18 -9.77 -26.29
CA THR D 176 -6.90 -10.83 -25.59
C THR D 176 -7.13 -10.44 -24.13
N ASP D 177 -8.25 -10.89 -23.58
CA ASP D 177 -8.57 -10.68 -22.18
C ASP D 177 -8.91 -12.02 -21.55
N TRP D 178 -8.15 -12.43 -20.55
CA TRP D 178 -8.41 -13.70 -19.85
C TRP D 178 -9.09 -13.50 -18.52
N GLY D 179 -9.70 -12.33 -18.34
CA GLY D 179 -10.44 -12.01 -17.12
C GLY D 179 -11.72 -12.79 -16.98
N ASN D 180 -12.60 -12.31 -16.09
CA ASN D 180 -13.86 -13.00 -15.77
C ASN D 180 -14.79 -13.23 -16.97
N THR D 181 -14.78 -12.29 -17.91
CA THR D 181 -15.42 -12.50 -19.21
C THR D 181 -14.34 -12.52 -20.28
N PRO D 182 -13.74 -13.70 -20.54
CA PRO D 182 -12.62 -13.76 -21.46
C PRO D 182 -13.04 -13.54 -22.91
N ARG D 183 -12.23 -12.78 -23.65
CA ARG D 183 -12.60 -12.36 -25.00
C ARG D 183 -11.37 -12.00 -25.81
N ILE D 184 -11.55 -11.95 -27.13
CA ILE D 184 -10.55 -11.40 -28.03
C ILE D 184 -11.21 -10.24 -28.76
N GLU D 185 -10.55 -9.07 -28.69
CA GLU D 185 -11.14 -7.84 -29.18
C GLU D 185 -10.26 -7.14 -30.21
N ALA D 186 -10.85 -6.18 -30.91
CA ALA D 186 -10.14 -5.37 -31.88
C ALA D 186 -10.67 -3.94 -31.91
N SER D 187 -9.78 -3.01 -32.20
CA SER D 187 -10.14 -1.61 -32.38
C SER D 187 -9.13 -0.97 -33.32
N SER D 188 -9.49 0.16 -33.92
CA SER D 188 -8.55 0.92 -34.72
C SER D 188 -7.40 1.40 -33.82
N MET D 189 -6.28 1.77 -34.42
CA MET D 189 -5.09 2.16 -33.66
C MET D 189 -5.28 3.45 -32.86
N ASP D 190 -6.42 4.10 -33.05
CA ASP D 190 -6.81 5.24 -32.23
C ASP D 190 -7.80 4.82 -31.13
N GLY D 191 -8.08 3.52 -31.07
CA GLY D 191 -8.94 2.96 -30.04
C GLY D 191 -10.42 2.92 -30.40
N SER D 192 -10.75 3.38 -31.60
CA SER D 192 -12.14 3.42 -32.08
C SER D 192 -12.52 2.15 -32.83
N GLY D 193 -13.79 2.03 -33.19
CA GLY D 193 -14.30 0.87 -33.93
C GLY D 193 -14.10 -0.44 -33.18
N ARG D 194 -14.18 -0.36 -31.85
CA ARG D 194 -13.99 -1.50 -30.98
C ARG D 194 -15.11 -2.52 -31.15
N ARG D 195 -14.73 -3.78 -31.31
CA ARG D 195 -15.67 -4.87 -31.57
C ARG D 195 -15.13 -6.15 -30.95
N ILE D 196 -16.02 -7.10 -30.67
CA ILE D 196 -15.58 -8.41 -30.20
C ILE D 196 -15.20 -9.29 -31.39
N ILE D 197 -14.06 -9.97 -31.27
CA ILE D 197 -13.64 -10.94 -32.28
C ILE D 197 -14.24 -12.29 -31.90
N ALA D 198 -13.93 -12.75 -30.69
CA ALA D 198 -14.52 -13.95 -30.13
C ALA D 198 -14.70 -13.77 -28.62
N ASP D 199 -15.95 -13.85 -28.16
CA ASP D 199 -16.24 -13.84 -26.73
C ASP D 199 -16.73 -15.19 -26.22
N THR D 200 -16.67 -16.20 -27.10
CA THR D 200 -17.17 -17.54 -26.78
C THR D 200 -16.08 -18.61 -26.78
N HIS D 201 -16.29 -19.66 -25.97
CA HIS D 201 -15.40 -20.82 -25.85
C HIS D 201 -13.95 -20.50 -25.52
N LEU D 202 -13.75 -19.39 -24.80
CA LEU D 202 -12.42 -19.02 -24.33
C LEU D 202 -12.37 -19.06 -22.81
N PHE D 203 -11.18 -19.28 -22.28
CA PHE D 203 -10.96 -19.17 -20.84
C PHE D 203 -9.62 -18.49 -20.56
N TRP D 204 -8.55 -19.04 -21.13
CA TRP D 204 -7.21 -18.46 -21.01
C TRP D 204 -6.59 -18.10 -22.34
N PRO D 205 -7.09 -17.02 -22.98
CA PRO D 205 -6.48 -16.54 -24.22
C PRO D 205 -5.12 -15.87 -23.94
N ASN D 206 -4.06 -16.68 -23.98
CA ASN D 206 -2.73 -16.22 -23.58
C ASN D 206 -1.94 -15.50 -24.66
N GLY D 207 -2.06 -15.96 -25.90
CA GLY D 207 -1.25 -15.43 -27.00
C GLY D 207 -2.04 -15.16 -28.26
N LEU D 208 -1.52 -14.27 -29.09
CA LEU D 208 -2.19 -13.84 -30.31
C LEU D 208 -1.17 -13.44 -31.37
N THR D 209 -1.47 -13.78 -32.62
CA THR D 209 -0.57 -13.47 -33.72
C THR D 209 -1.35 -13.30 -35.04
N ILE D 210 -0.85 -12.42 -35.90
CA ILE D 210 -1.49 -12.13 -37.18
C ILE D 210 -0.60 -12.60 -38.32
N ASP D 211 -1.16 -13.42 -39.20
CA ASP D 211 -0.45 -13.80 -40.43
C ASP D 211 -0.82 -12.78 -41.51
N TYR D 212 0.13 -11.90 -41.83
CA TYR D 212 -0.10 -10.82 -42.79
C TYR D 212 -0.22 -11.36 -44.21
N ALA D 213 0.76 -12.15 -44.63
CA ALA D 213 0.77 -12.77 -45.95
C ALA D 213 -0.42 -13.72 -46.11
N GLY D 214 -0.68 -14.53 -45.08
CA GLY D 214 -1.79 -15.47 -45.08
C GLY D 214 -3.13 -14.82 -44.77
N ARG D 215 -3.08 -13.57 -44.31
CA ARG D 215 -4.27 -12.78 -43.97
C ARG D 215 -5.23 -13.49 -43.01
N ARG D 216 -4.65 -14.06 -41.94
CA ARG D 216 -5.43 -14.72 -40.90
C ARG D 216 -4.83 -14.48 -39.52
N MET D 217 -5.61 -14.74 -38.49
CA MET D 217 -5.15 -14.58 -37.11
C MET D 217 -5.13 -15.91 -36.37
N TYR D 218 -4.21 -16.03 -35.42
CA TYR D 218 -4.08 -17.24 -34.62
C TYR D 218 -3.98 -16.89 -33.15
N TRP D 219 -4.62 -17.70 -32.30
CA TRP D 219 -4.52 -17.52 -30.86
C TRP D 219 -4.48 -18.82 -30.10
N VAL D 220 -4.03 -18.73 -28.85
CA VAL D 220 -3.93 -19.89 -27.98
C VAL D 220 -4.79 -19.72 -26.73
N ASP D 221 -5.49 -20.78 -26.34
CA ASP D 221 -6.17 -20.83 -25.06
C ASP D 221 -5.55 -21.96 -24.22
N ALA D 222 -4.93 -21.59 -23.10
CA ALA D 222 -4.20 -22.53 -22.26
C ALA D 222 -5.12 -23.41 -21.40
N LYS D 223 -6.32 -22.93 -21.12
CA LYS D 223 -7.30 -23.73 -20.38
C LYS D 223 -8.01 -24.73 -21.29
N HIS D 224 -8.30 -24.31 -22.52
CA HIS D 224 -8.90 -25.19 -23.51
C HIS D 224 -7.88 -26.00 -24.27
N HIS D 225 -6.61 -25.64 -24.09
CA HIS D 225 -5.49 -26.33 -24.75
C HIS D 225 -5.69 -26.39 -26.25
N VAL D 226 -5.92 -25.23 -26.86
CA VAL D 226 -6.13 -25.14 -28.30
C VAL D 226 -5.41 -23.96 -28.94
N ILE D 227 -4.99 -24.16 -30.18
CA ILE D 227 -4.54 -23.06 -31.03
C ILE D 227 -5.60 -22.89 -32.11
N GLU D 228 -6.14 -21.68 -32.20
CA GLU D 228 -7.25 -21.42 -33.10
C GLU D 228 -6.88 -20.43 -34.20
N ARG D 229 -7.38 -20.70 -35.40
CA ARG D 229 -7.29 -19.78 -36.51
C ARG D 229 -8.68 -19.24 -36.81
N ALA D 230 -8.79 -17.93 -36.93
CA ALA D 230 -10.00 -17.31 -37.44
C ALA D 230 -9.58 -16.49 -38.65
N ASN D 231 -10.55 -16.13 -39.49
CA ASN D 231 -10.30 -15.07 -40.44
C ASN D 231 -10.03 -13.80 -39.63
N LEU D 232 -9.74 -12.70 -40.31
CA LEU D 232 -9.25 -11.52 -39.61
C LEU D 232 -10.33 -10.64 -38.97
N ASP D 233 -11.60 -10.99 -39.21
CA ASP D 233 -12.73 -10.32 -38.60
C ASP D 233 -13.34 -11.18 -37.50
N GLY D 234 -12.77 -12.38 -37.32
CA GLY D 234 -13.26 -13.35 -36.35
C GLY D 234 -14.09 -14.45 -36.98
N SER D 235 -14.30 -14.35 -38.29
CA SER D 235 -15.12 -15.32 -39.02
C SER D 235 -14.37 -16.62 -39.28
N HIS D 236 -15.13 -17.67 -39.56
CA HIS D 236 -14.60 -19.02 -39.84
C HIS D 236 -13.57 -19.46 -38.83
N ARG D 237 -13.97 -19.42 -37.56
CA ARG D 237 -13.12 -19.85 -36.47
C ARG D 237 -12.79 -21.34 -36.60
N LYS D 238 -11.52 -21.68 -36.44
CA LYS D 238 -11.05 -23.05 -36.54
C LYS D 238 -9.97 -23.31 -35.50
N ALA D 239 -10.03 -24.50 -34.90
CA ALA D 239 -8.94 -24.97 -34.05
C ALA D 239 -8.00 -25.79 -34.92
N VAL D 240 -6.76 -25.32 -35.07
CA VAL D 240 -5.79 -26.00 -35.92
C VAL D 240 -5.01 -27.09 -35.16
N ILE D 241 -4.80 -26.87 -33.86
CA ILE D 241 -4.06 -27.82 -33.01
C ILE D 241 -4.85 -28.14 -31.74
N SER D 242 -5.20 -29.41 -31.57
CA SER D 242 -6.05 -29.85 -30.47
C SER D 242 -5.30 -30.60 -29.35
N GLN D 243 -3.99 -30.74 -29.49
CA GLN D 243 -3.22 -31.59 -28.58
C GLN D 243 -1.79 -31.15 -28.33
N GLY D 244 -1.21 -31.64 -27.23
CA GLY D 244 0.14 -31.26 -26.83
C GLY D 244 0.24 -29.79 -26.49
N LEU D 245 -0.79 -29.28 -25.83
CA LEU D 245 -0.84 -27.89 -25.40
C LEU D 245 -1.19 -27.80 -23.92
N PRO D 246 -0.31 -28.32 -23.04
CA PRO D 246 -0.63 -28.34 -21.62
C PRO D 246 -0.79 -26.93 -21.02
N HIS D 247 0.18 -26.06 -21.29
CA HIS D 247 0.10 -24.67 -20.83
C HIS D 247 0.82 -23.73 -21.78
N PRO D 248 0.25 -23.51 -22.97
CA PRO D 248 0.89 -22.59 -23.93
C PRO D 248 0.71 -21.12 -23.54
N PHE D 249 1.69 -20.29 -23.91
CA PHE D 249 1.66 -18.86 -23.56
C PHE D 249 1.58 -17.96 -24.78
N ALA D 250 2.71 -17.74 -25.45
CA ALA D 250 2.76 -16.85 -26.61
C ALA D 250 2.94 -17.63 -27.90
N ILE D 251 2.39 -17.09 -28.99
CA ILE D 251 2.43 -17.74 -30.30
C ILE D 251 2.83 -16.77 -31.42
N THR D 252 3.51 -17.29 -32.44
CA THR D 252 3.90 -16.50 -33.61
C THR D 252 3.84 -17.33 -34.90
N VAL D 253 3.88 -16.65 -36.04
CA VAL D 253 3.77 -17.30 -37.34
C VAL D 253 4.89 -16.89 -38.29
N PHE D 254 5.41 -17.87 -39.03
CA PHE D 254 6.13 -17.59 -40.26
C PHE D 254 6.02 -18.71 -41.29
N GLU D 255 5.82 -18.31 -42.54
CA GLU D 255 5.60 -19.24 -43.65
C GLU D 255 4.42 -20.14 -43.33
N ASP D 256 4.66 -21.45 -43.25
CA ASP D 256 3.59 -22.42 -42.97
C ASP D 256 3.66 -22.99 -41.55
N SER D 257 4.47 -22.37 -40.70
CA SER D 257 4.68 -22.87 -39.34
C SER D 257 4.22 -21.93 -38.25
N LEU D 258 3.64 -22.51 -37.20
CA LEU D 258 3.33 -21.79 -35.97
C LEU D 258 4.41 -22.11 -34.95
N TYR D 259 4.82 -21.10 -34.19
CA TYR D 259 5.78 -21.26 -33.11
C TYR D 259 5.20 -20.68 -31.82
N TRP D 260 5.30 -21.43 -30.73
CA TRP D 260 4.79 -20.98 -29.45
C TRP D 260 5.58 -21.48 -28.26
N THR D 261 5.45 -20.79 -27.14
CA THR D 261 6.11 -21.19 -25.90
C THR D 261 5.12 -21.88 -24.96
N ASP D 262 5.62 -22.84 -24.18
CA ASP D 262 4.78 -23.56 -23.24
C ASP D 262 5.39 -23.55 -21.84
N TRP D 263 4.57 -23.21 -20.85
CA TRP D 263 5.04 -23.12 -19.46
C TRP D 263 5.25 -24.45 -18.80
N HIS D 264 4.45 -25.44 -19.19
CA HIS D 264 4.58 -26.77 -18.62
C HIS D 264 5.85 -27.45 -19.06
N THR D 265 6.08 -27.48 -20.38
CA THR D 265 7.24 -28.18 -20.94
C THR D 265 8.49 -27.31 -21.04
N LYS D 266 8.39 -26.06 -20.61
CA LYS D 266 9.51 -25.11 -20.65
C LYS D 266 10.20 -25.12 -22.01
N SER D 267 9.40 -25.08 -23.07
CA SER D 267 9.90 -25.34 -24.40
C SER D 267 9.29 -24.41 -25.45
N ILE D 268 10.03 -24.24 -26.54
CA ILE D 268 9.52 -23.60 -27.75
C ILE D 268 9.07 -24.70 -28.69
N ASN D 269 7.81 -24.66 -29.09
CA ASN D 269 7.24 -25.69 -29.95
C ASN D 269 6.89 -25.17 -31.34
N SER D 270 6.58 -26.08 -32.25
CA SER D 270 6.30 -25.74 -33.63
C SER D 270 5.36 -26.76 -34.28
N ALA D 271 4.54 -26.27 -35.20
CA ALA D 271 3.67 -27.14 -36.00
C ALA D 271 3.18 -26.43 -37.27
N ASN D 272 2.45 -27.17 -38.09
CA ASN D 272 1.92 -26.65 -39.35
C ASN D 272 0.62 -25.87 -39.15
N LYS D 273 0.56 -24.65 -39.67
CA LYS D 273 -0.61 -23.79 -39.50
C LYS D 273 -1.89 -24.41 -40.06
N PHE D 274 -1.76 -25.14 -41.16
CA PHE D 274 -2.91 -25.74 -41.83
C PHE D 274 -3.31 -27.06 -41.17
N THR D 275 -2.42 -28.05 -41.25
CA THR D 275 -2.71 -29.41 -40.77
C THR D 275 -2.55 -29.58 -39.26
N GLY D 276 -1.71 -28.74 -38.65
CA GLY D 276 -1.41 -28.86 -37.23
C GLY D 276 -0.39 -29.94 -36.95
N LYS D 277 0.02 -30.64 -38.01
CA LYS D 277 0.99 -31.72 -37.92
C LYS D 277 2.41 -31.18 -37.92
N ASN D 278 3.38 -32.08 -38.00
CA ASN D 278 4.80 -31.73 -37.92
C ASN D 278 5.11 -31.11 -36.56
N GLN D 279 4.48 -31.63 -35.52
CA GLN D 279 4.73 -31.20 -34.15
C GLN D 279 6.22 -31.29 -33.86
N GLU D 280 6.79 -30.21 -33.35
CA GLU D 280 8.23 -30.15 -33.10
C GLU D 280 8.57 -29.36 -31.84
N ILE D 281 9.61 -29.81 -31.17
CA ILE D 281 10.19 -29.07 -30.06
C ILE D 281 11.48 -28.43 -30.55
N ILE D 282 11.43 -27.12 -30.76
CA ILE D 282 12.57 -26.35 -31.24
C ILE D 282 13.67 -26.30 -30.18
N ARG D 283 13.25 -26.12 -28.93
CA ARG D 283 14.17 -26.03 -27.81
C ARG D 283 13.45 -26.42 -26.52
N ASN D 284 14.21 -26.82 -25.51
CA ASN D 284 13.67 -27.20 -24.21
C ASN D 284 14.64 -26.89 -23.08
N LYS D 285 14.28 -27.27 -21.86
CA LYS D 285 15.07 -26.95 -20.65
C LYS D 285 15.20 -25.45 -20.43
N LEU D 286 14.29 -24.68 -21.02
CA LEU D 286 14.27 -23.23 -20.88
C LEU D 286 13.79 -22.84 -19.49
N HIS D 287 14.36 -21.76 -18.96
CA HIS D 287 14.05 -21.29 -17.62
C HIS D 287 12.57 -21.03 -17.42
N PHE D 288 12.05 -20.04 -18.14
CA PHE D 288 10.62 -19.77 -18.18
C PHE D 288 10.29 -18.99 -19.45
N PRO D 289 10.12 -19.72 -20.57
CA PRO D 289 9.80 -19.10 -21.86
C PRO D 289 8.52 -18.27 -21.76
N MET D 290 8.55 -17.09 -22.38
CA MET D 290 7.39 -16.20 -22.32
C MET D 290 6.91 -15.82 -23.72
N ASP D 291 7.26 -14.62 -24.17
CA ASP D 291 6.77 -14.08 -25.42
C ASP D 291 7.73 -14.38 -26.55
N ILE D 292 7.19 -14.58 -27.75
CA ILE D 292 7.99 -14.99 -28.91
C ILE D 292 7.59 -14.24 -30.18
N HIS D 293 8.60 -13.90 -30.99
CA HIS D 293 8.39 -13.31 -32.30
C HIS D 293 9.32 -13.94 -33.31
N THR D 294 8.87 -13.98 -34.56
CA THR D 294 9.75 -14.36 -35.66
C THR D 294 10.49 -13.10 -36.12
N LEU D 295 11.82 -13.12 -35.98
CA LEU D 295 12.66 -11.99 -36.37
C LEU D 295 13.03 -12.10 -37.85
N HIS D 296 12.42 -11.23 -38.65
CA HIS D 296 12.57 -11.26 -40.10
C HIS D 296 11.90 -10.05 -40.71
N PRO D 297 12.47 -9.52 -41.81
CA PRO D 297 11.88 -8.36 -42.49
C PRO D 297 10.46 -8.60 -43.02
N GLN D 298 10.20 -9.79 -43.55
CA GLN D 298 8.88 -10.10 -44.11
C GLN D 298 7.76 -10.16 -43.06
N ARG D 299 8.15 -10.32 -41.79
CA ARG D 299 7.19 -10.30 -40.69
C ARG D 299 6.85 -8.88 -40.24
N GLN D 300 7.52 -7.91 -40.84
CA GLN D 300 7.18 -6.50 -40.67
C GLN D 300 7.06 -5.83 -42.03
N PRO D 301 6.02 -6.20 -42.81
CA PRO D 301 5.83 -5.69 -44.17
C PRO D 301 5.66 -4.17 -44.21
N ALA D 302 6.31 -3.55 -45.20
CA ALA D 302 6.20 -2.11 -45.42
C ALA D 302 4.78 -1.74 -45.85
N GLY D 303 4.32 -0.57 -45.41
CA GLY D 303 2.98 -0.11 -45.72
C GLY D 303 2.85 1.40 -45.73
N LYS D 304 1.67 1.87 -46.13
CA LYS D 304 1.40 3.30 -46.19
C LYS D 304 1.30 3.89 -44.77
N ASN D 305 2.12 4.90 -44.51
CA ASN D 305 2.05 5.64 -43.25
C ASN D 305 0.96 6.70 -43.35
N ARG D 306 -0.08 6.54 -42.54
CA ARG D 306 -1.23 7.43 -42.57
C ARG D 306 -0.92 8.81 -42.00
N CYS D 307 0.00 8.84 -41.04
CA CYS D 307 0.34 10.05 -40.32
C CYS D 307 1.59 10.73 -40.84
N GLY D 308 2.41 9.97 -41.55
CA GLY D 308 3.69 10.47 -42.06
C GLY D 308 3.55 11.47 -43.20
N ASP D 309 4.37 12.51 -43.13
CA ASP D 309 4.54 13.48 -44.21
C ASP D 309 3.36 14.43 -44.52
N ASN D 310 2.64 14.84 -43.51
CA ASN D 310 1.72 15.96 -43.63
C ASN D 310 2.26 16.99 -42.66
N ASN D 311 1.99 16.75 -41.38
CA ASN D 311 2.72 17.33 -40.28
C ASN D 311 2.98 16.14 -39.38
N GLY D 312 4.25 15.88 -39.09
CA GLY D 312 4.64 14.68 -38.34
C GLY D 312 3.88 14.48 -37.05
N GLY D 313 3.02 13.46 -37.03
CA GLY D 313 2.24 13.09 -35.85
C GLY D 313 1.35 14.20 -35.32
N CYS D 314 0.69 14.93 -36.22
CA CYS D 314 -0.12 16.09 -35.85
C CYS D 314 0.69 17.02 -34.93
N THR D 315 0.06 17.51 -33.86
CA THR D 315 0.79 18.27 -32.85
C THR D 315 1.47 17.33 -31.86
N HIS D 316 0.76 16.28 -31.46
CA HIS D 316 1.29 15.32 -30.50
C HIS D 316 1.24 13.92 -31.01
N LEU D 317 0.03 13.39 -31.16
CA LEU D 317 -0.14 12.02 -31.62
C LEU D 317 -1.05 11.93 -32.82
N CYS D 318 -0.61 11.17 -33.80
CA CYS D 318 -1.43 10.86 -34.94
C CYS D 318 -1.61 9.35 -35.00
N LEU D 319 -2.87 8.93 -34.90
CA LEU D 319 -3.21 7.51 -34.83
C LEU D 319 -4.17 7.15 -35.95
N PRO D 320 -3.93 6.01 -36.62
CA PRO D 320 -4.83 5.53 -37.66
C PRO D 320 -6.21 5.19 -37.11
N SER D 321 -7.25 5.66 -37.80
CA SER D 321 -8.63 5.43 -37.41
C SER D 321 -9.48 5.09 -38.64
N GLY D 322 -9.96 3.86 -38.70
CA GLY D 322 -10.80 3.42 -39.82
C GLY D 322 -10.07 3.51 -41.15
N GLN D 323 -10.59 4.35 -42.05
CA GLN D 323 -9.98 4.56 -43.36
C GLN D 323 -9.03 5.76 -43.34
N ASN D 324 -8.93 6.41 -42.18
CA ASN D 324 -8.08 7.59 -42.03
C ASN D 324 -7.25 7.58 -40.74
N TYR D 325 -6.81 8.78 -40.35
CA TYR D 325 -6.07 8.97 -39.11
C TYR D 325 -6.76 10.05 -38.27
N THR D 326 -6.46 10.06 -36.98
CA THR D 326 -6.93 11.11 -36.08
C THR D 326 -5.78 11.63 -35.22
N CYS D 327 -5.93 12.83 -34.67
CA CYS D 327 -4.95 13.38 -33.75
C CYS D 327 -5.43 13.22 -32.32
N ALA D 328 -4.54 12.78 -31.44
CA ALA D 328 -4.89 12.53 -30.04
C ALA D 328 -3.92 13.20 -29.07
N CYS D 329 -4.39 13.41 -27.84
CA CYS D 329 -3.61 14.12 -26.83
C CYS D 329 -2.96 13.19 -25.82
N PRO D 330 -1.66 13.40 -25.54
CA PRO D 330 -0.95 12.65 -24.50
C PRO D 330 -1.57 12.95 -23.15
N THR D 331 -1.55 11.99 -22.24
CA THR D 331 -2.16 12.17 -20.92
C THR D 331 -1.62 13.41 -20.22
N GLY D 332 -2.52 14.21 -19.68
CA GLY D 332 -2.16 15.52 -19.13
C GLY D 332 -2.46 16.64 -20.12
N PHE D 333 -2.99 16.26 -21.28
CA PHE D 333 -3.35 17.22 -22.33
C PHE D 333 -4.84 17.15 -22.67
N ARG D 334 -5.38 18.28 -23.09
CA ARG D 334 -6.73 18.36 -23.65
C ARG D 334 -6.61 18.80 -25.10
N LYS D 335 -7.60 18.42 -25.92
CA LYS D 335 -7.55 18.69 -27.36
C LYS D 335 -7.90 20.13 -27.70
N ILE D 336 -7.01 20.77 -28.47
CA ILE D 336 -7.29 22.09 -29.05
C ILE D 336 -7.71 21.86 -30.50
N ASN D 337 -9.01 22.00 -30.74
CA ASN D 337 -9.62 21.68 -32.04
C ASN D 337 -9.41 20.20 -32.41
N SER D 338 -8.97 19.94 -33.63
CA SER D 338 -8.72 18.57 -34.08
C SER D 338 -7.24 18.30 -34.30
N HIS D 339 -6.44 19.38 -34.40
CA HIS D 339 -5.03 19.26 -34.75
C HIS D 339 -4.06 19.54 -33.63
N ALA D 340 -4.53 20.12 -32.53
CA ALA D 340 -3.63 20.52 -31.45
C ALA D 340 -4.06 20.04 -30.06
N CYS D 341 -3.13 20.08 -29.11
CA CYS D 341 -3.40 19.77 -27.72
C CYS D 341 -2.73 20.76 -26.78
N ALA D 342 -3.32 20.97 -25.61
CA ALA D 342 -2.75 21.83 -24.57
C ALA D 342 -2.81 21.14 -23.22
N LEU D 343 -1.94 21.56 -22.30
CA LEU D 343 -1.87 20.99 -20.97
C LEU D 343 -3.19 21.12 -20.21
N GLU D 344 -3.39 20.26 -19.21
CA GLU D 344 -4.64 20.25 -18.45
C GLU D 344 -4.72 21.32 -17.35
N VAL D 345 -3.57 21.86 -16.95
CA VAL D 345 -3.52 22.84 -15.87
C VAL D 345 -3.82 24.27 -16.34
N LEU D 346 -3.63 24.54 -17.63
CA LEU D 346 -4.05 25.82 -18.20
C LEU D 346 -5.57 25.94 -18.16
N PHE D 347 -6.25 24.88 -18.61
CA PHE D 347 -7.70 24.74 -18.50
C PHE D 347 -8.12 23.27 -18.51
C1 NAG E . -13.33 36.69 12.70
C2 NAG E . -14.78 36.43 12.30
C3 NAG E . -14.87 36.37 10.79
C4 NAG E . -14.12 37.54 10.13
C5 NAG E . -12.74 37.79 10.75
C6 NAG E . -12.07 39.05 10.19
C7 NAG E . -16.51 34.82 13.01
C8 NAG E . -16.79 33.50 13.67
N2 NAG E . -15.24 35.19 12.91
O3 NAG E . -16.21 36.39 10.38
O4 NAG E . -13.99 37.27 8.75
O5 NAG E . -12.86 37.90 12.14
O6 NAG E . -12.60 40.19 10.81
O7 NAG E . -17.46 35.49 12.58
C1 NAG F . 24.32 35.91 12.26
C2 NAG F . 25.34 37.03 12.39
C3 NAG F . 25.67 37.50 10.98
C4 NAG F . 26.05 36.33 10.08
C5 NAG F . 25.11 35.12 10.24
C6 NAG F . 25.61 33.85 9.53
C7 NAG F . 25.51 38.98 13.87
C8 NAG F . 24.76 40.01 14.67
N2 NAG F . 24.77 38.10 13.21
O3 NAG F . 26.73 38.42 11.02
O4 NAG F . 26.05 36.75 8.74
O5 NAG F . 24.94 34.82 11.61
O6 NAG F . 26.48 34.17 8.47
O7 NAG F . 26.75 39.00 13.86
CA CA G . 20.38 34.98 5.41
P PO4 H . 8.23 25.21 -1.73
O1 PO4 H . 9.65 24.77 -1.42
O2 PO4 H . 8.06 25.37 -3.22
O3 PO4 H . 7.26 24.17 -1.22
O4 PO4 H . 7.94 26.54 -1.05
P PO4 I . 6.35 38.35 18.69
O1 PO4 I . 7.13 39.11 17.64
O2 PO4 I . 5.21 37.61 18.01
O3 PO4 I . 7.27 37.36 19.36
O4 PO4 I . 5.78 39.31 19.71
CA CA J . 10.03 -4.27 -0.77
P PO4 K . 2.50 -14.58 6.69
O1 PO4 K . 3.72 -13.91 6.12
O2 PO4 K . 1.60 -15.06 5.58
O3 PO4 K . 2.92 -15.75 7.55
O4 PO4 K . 1.73 -13.61 7.53
CA CA L . -12.34 5.63 -0.72
P PO4 M . -10.92 -6.65 7.73
O1 PO4 M . -9.46 -7.03 7.69
O2 PO4 M . -11.73 -7.66 6.96
O3 PO4 M . -11.39 -6.61 9.17
O4 PO4 M . -11.10 -5.28 7.12
CA CA N . -0.10 14.26 -39.27
CA CA O . 4.39 -6.09 -10.25
#